data_1RRU
# 
_entry.id   1RRU 
# 
_audit_conform.dict_name       mmcif_pdbx.dic 
_audit_conform.dict_version    5.381 
_audit_conform.dict_location   http://mmcif.pdb.org/dictionaries/ascii/mmcif_pdbx.dic 
# 
loop_
_database_2.database_id 
_database_2.database_code 
_database_2.pdbx_database_accession 
_database_2.pdbx_DOI 
PDB   1RRU         pdb_00001rru 10.2210/pdb1rru/pdb 
NDB   UP0004       ?            ?                   
RCSB  RCSB020994   ?            ?                   
WWPDB D_1000020994 ?            ?                   
# 
loop_
_pdbx_database_related.db_name 
_pdbx_database_related.db_id 
_pdbx_database_related.details 
_pdbx_database_related.content_type 
PDB 1PUP 'Peptide nucleic acid duplex hexamer at 1.7 A resolution'                             unspecified 
PDB 1QPY 'Crystal Structure Of a Backbone Modified Pna Hexamer'                                unspecified 
PDB 1HZS 'Crystal structure of Peptide nucleic acid containing a bicyclic analogue of Thymine' unspecified 
# 
_pdbx_database_status.status_code                     REL 
_pdbx_database_status.entry_id                        1RRU 
_pdbx_database_status.recvd_initial_deposition_date   2003-12-09 
_pdbx_database_status.deposit_site                    RCSB 
_pdbx_database_status.process_site                    RCSB 
_pdbx_database_status.SG_entry                        . 
_pdbx_database_status.pdb_format_compatible           Y 
_pdbx_database_status.status_code_mr                  ? 
_pdbx_database_status.status_code_sf                  ? 
_pdbx_database_status.status_code_cs                  ? 
_pdbx_database_status.methods_development_category    ? 
_pdbx_database_status.status_code_nmr_data            ? 
# 
loop_
_audit_author.name 
_audit_author.pdbx_ordinal 
'Rasmussen, H.' 1 
'Liljefors, T.' 2 
'Petersson, B.' 3 
'Nielsen, P.E.' 4 
'Kastrup, J.S.' 5 
# 
loop_
_citation.id 
_citation.title 
_citation.journal_abbrev 
_citation.journal_volume 
_citation.page_first 
_citation.page_last 
_citation.year 
_citation.journal_id_ASTM 
_citation.country 
_citation.journal_id_ISSN 
_citation.journal_id_CSD 
_citation.book_publisher 
_citation.pdbx_database_id_PubMed 
_citation.pdbx_database_id_DOI 
primary 'The Influence of a Chiral Amino Acid on the Helical Handedness of PNA in Solution and in Crystals' J.Biomol.Struct.Dyn. 
21 495  502  2004 JBSDD6 US 0739-1102 0646 ? 14692794 ?                                                               
1       'Crystal structure of a peptide nucleic acid (PNA) duplex at 1.7 A resolution' Nat.Struct.Biol.     4  98   101  1997 
NSBIEW US 1072-8368 2024 ? ?        ?                                                               
2       
'Peptide nucleic acids (PNA) derived from N-(N-methylaminoethyl) glycine. Synthesis, hybridization and structural properties' 
'New J.Chem.'        23 833  840  1999 ?      FR 1144-0546 ?    ? ?        10.1039/a902091h 
3       '1,8-Naphthyridin-2(1H)-ones. Novel bi- and tricyclic analogues of Thymine in Peptide nucleic acids (PNA)' Eur.J.Org.Chem. 
?  1781 1790 2001 ?      GE 1434-193X ?    ? ?        '10.1002/1099-0690(200105)2001:9<1781::AID-EJOC1781>3.0.CO;2-K' 
# 
loop_
_citation_author.citation_id 
_citation_author.name 
_citation_author.ordinal 
_citation_author.identifier_ORCID 
primary 'Rasmussen, H.'   1  ? 
primary 'Liljefors, T.'   2  ? 
primary 'Petersson, B.'   3  ? 
primary 'Nielsen, P.E.'   4  ? 
primary 'Kastrup, J.S.'   5  ? 
1       'Rasmussen, H.'   6  ? 
1       'Kastrup, J.S.'   7  ? 
1       'Nielsen, J.N.'   8  ? 
1       'Nielsen, J.M.'   9  ? 
1       'Nielsen, P.E.'   10 ? 
2       'Haiima, G.'      11 ? 
2       'Rasmussen, H.'   12 ? 
2       'Schmidt, G.'     13 ? 
2       'Jensen, D.K.'    14 ? 
2       'Kastrup, J.S.'   15 ? 
2       'Stafshede, P.W.' 16 ? 
2       'Norden, B.'      17 ? 
2       'Buckhardt, O.'   18 ? 
2       'Nielsen, P.E.'   19 ? 
3       'Eldrup, A.B.'    20 ? 
3       'Nielsen, B.B.'   21 ? 
3       'Haiima, G.'      22 ? 
3       'Rasmussen, H.'   23 ? 
3       'Kastrup, J.S.'   24 ? 
3       'Christensen, C.' 25 ? 
3       'Nielsen, P.E.'   26 ? 
# 
_cell.entry_id           1RRU 
_cell.length_a           36.75 
_cell.length_b           44.07 
_cell.length_c           31.22 
_cell.angle_alpha        90.00 
_cell.angle_beta         91.51 
_cell.angle_gamma        90.00 
_cell.pdbx_unique_axis   ? 
_cell.Z_PDB              8 
# 
_symmetry.entry_id                         1RRU 
_symmetry.space_group_name_H-M             'C 1 2 1' 
_symmetry.pdbx_full_space_group_name_H-M   ? 
_symmetry.Int_Tables_number                5 
_symmetry.cell_setting                     ? 
# 
loop_
_entity.id 
_entity.type 
_entity.src_method 
_entity.pdbx_description 
_entity.formula_weight 
_entity.pdbx_number_of_molecules 
_entity.pdbx_ec 
_entity.pdbx_mutation 
_entity.pdbx_fragment 
_entity.details 
1 polymer syn 'Peptide Nucleic Acid, (H-P(*CPN*GPN*TPN*APN*CPN*GPN)-LYS-NH2)' 1714.813 2  ? ? ? ? 
2 water   nat water                                                           18.015   28 ? ? ? ? 
# 
_entity_name_com.entity_id   1 
_entity_name_com.name        PNA 
# 
_entity_poly.entity_id                      1 
_entity_poly.type                           polydeoxyribonucleotide 
_entity_poly.nstd_linkage                   no 
_entity_poly.nstd_monomer                   yes 
_entity_poly.pdbx_seq_one_letter_code       '(CPN)(GPN)(TPN)(APN)(CPN)(GPN)K(NH2)' 
_entity_poly.pdbx_seq_one_letter_code_can   XXXXXXKX 
_entity_poly.pdbx_strand_id                 A,B 
_entity_poly.pdbx_target_identifier         ? 
# 
loop_
_entity_poly_seq.entity_id 
_entity_poly_seq.num 
_entity_poly_seq.mon_id 
_entity_poly_seq.hetero 
1 1 CPN n 
1 2 GPN n 
1 3 TPN n 
1 4 APN n 
1 5 CPN n 
1 6 GPN n 
1 7 LYS n 
1 8 NH2 n 
# 
_struct_ref.id                         1 
_struct_ref.entity_id                  1 
_struct_ref.db_name                    PDB 
_struct_ref.db_code                    1RRU 
_struct_ref.pdbx_db_accession          1RRU 
_struct_ref.pdbx_db_isoform            ? 
_struct_ref.pdbx_seq_one_letter_code   ? 
_struct_ref.pdbx_align_begin           ? 
# 
loop_
_struct_ref_seq.align_id 
_struct_ref_seq.ref_id 
_struct_ref_seq.pdbx_PDB_id_code 
_struct_ref_seq.pdbx_strand_id 
_struct_ref_seq.seq_align_beg 
_struct_ref_seq.pdbx_seq_align_beg_ins_code 
_struct_ref_seq.seq_align_end 
_struct_ref_seq.pdbx_seq_align_end_ins_code 
_struct_ref_seq.pdbx_db_accession 
_struct_ref_seq.db_align_beg 
_struct_ref_seq.pdbx_db_align_beg_ins_code 
_struct_ref_seq.db_align_end 
_struct_ref_seq.pdbx_db_align_end_ins_code 
_struct_ref_seq.pdbx_auth_seq_align_beg 
_struct_ref_seq.pdbx_auth_seq_align_end 
1 1 1RRU A 1 ? 8 ? 1RRU 1 ? 8  ? 1 8  
2 1 1RRU B 1 ? 8 ? 1RRU 9 ? 16 ? 9 16 
# 
loop_
_chem_comp.id 
_chem_comp.type 
_chem_comp.mon_nstd_flag 
_chem_comp.name 
_chem_comp.pdbx_synonyms 
_chem_comp.formula 
_chem_comp.formula_weight 
APN peptide-like        . 2-AMINOETHYLGLYCINE-CARBONYLMETHYLENE-ADENINE  ? 'C11 H16 N7 O3 1' 294.290 
CPN peptide-like        . 2-AMINOETHYLGLYCINE-CARBONYLMETHYLENE-CYTOSINE ? 'C10 H16 N5 O4 1' 270.265 
GPN peptide-like        . 2-AMINOETHYLGLYCINE-CARBONYLMETHYLENE-GUANINE  ? 'C11 H16 N7 O4 1' 310.289 
HOH non-polymer         . WATER                                          ? 'H2 O'            18.015  
LYS 'L-peptide linking' y LYSINE                                         ? 'C6 H15 N2 O2 1'  147.195 
NH2 non-polymer         . 'AMINO GROUP'                                  ? 'H2 N'            16.023  
TPN peptide-like        . 2-AMINOETHYLGLYCINE-CARBONYLMETHYLENE-THYMINE  ? 'C11 H17 N4 O5 1' 285.276 
# 
_exptl.entry_id          1RRU 
_exptl.method            'X-RAY DIFFRACTION' 
_exptl.crystals_number   1 
# 
_exptl_crystal.id                    1 
_exptl_crystal.density_meas          ? 
_exptl_crystal.density_percent_sol   66.62 
_exptl_crystal.description           ? 
_exptl_crystal.density_Matthews      3.68 
# 
_exptl_crystal_grow.crystal_id      1 
_exptl_crystal_grow.method          'VAPOR DIFFUSION, HANGING DROP' 
_exptl_crystal_grow.temp            293 
_exptl_crystal_grow.temp_details    ? 
_exptl_crystal_grow.pH              ? 
_exptl_crystal_grow.pdbx_details    'glycerol, magnesium formate, VAPOR DIFFUSION, HANGING DROP, temperature 293K' 
_exptl_crystal_grow.pdbx_pH_range   . 
# 
loop_
_exptl_crystal_grow_comp.crystal_id 
_exptl_crystal_grow_comp.id 
_exptl_crystal_grow_comp.sol_id 
_exptl_crystal_grow_comp.name 
_exptl_crystal_grow_comp.volume 
_exptl_crystal_grow_comp.conc 
_exptl_crystal_grow_comp.details 
1 1 1 glycerol            ? ? ? 
1 2 1 'magnesium formate' ? ? ? 
1 3 1 H2O                 ? ? ? 
1 4 2 'magnesium formate' ? ? ? 
1 5 2 H2O                 ? ? ? 
# 
_diffrn.id                     1 
_diffrn.ambient_temp           293 
_diffrn.ambient_temp_details   ? 
_diffrn.crystal_id             1 
# 
_diffrn_detector.diffrn_id              1 
_diffrn_detector.detector               'IMAGE PLATE' 
_diffrn_detector.type                   'RIGAKU RAXIS II' 
_diffrn_detector.pdbx_collection_date   1997-04-16 
_diffrn_detector.details                ? 
# 
_diffrn_radiation.diffrn_id                        1 
_diffrn_radiation.wavelength_id                    1 
_diffrn_radiation.pdbx_monochromatic_or_laue_m_l   M 
_diffrn_radiation.monochromator                    ? 
_diffrn_radiation.pdbx_diffrn_protocol             'SINGLE WAVELENGTH' 
_diffrn_radiation.pdbx_scattering_type             x-ray 
# 
_diffrn_radiation_wavelength.id           1 
_diffrn_radiation_wavelength.wavelength   1.5418 
_diffrn_radiation_wavelength.wt           1.0 
# 
_diffrn_source.diffrn_id                   1 
_diffrn_source.source                      'ROTATING ANODE' 
_diffrn_source.type                        'RIGAKU RU200' 
_diffrn_source.pdbx_synchrotron_site       ? 
_diffrn_source.pdbx_synchrotron_beamline   ? 
_diffrn_source.pdbx_wavelength             ? 
_diffrn_source.pdbx_wavelength_list        1.5418 
# 
_reflns.entry_id                     1RRU 
_reflns.observed_criterion_sigma_F   0.00 
_reflns.observed_criterion_sigma_I   0.00 
_reflns.d_resolution_high            2.35 
_reflns.d_resolution_low             25.0 
_reflns.number_all                   2069 
_reflns.number_obs                   2069 
_reflns.percent_possible_obs         98.8 
_reflns.pdbx_Rmerge_I_obs            0.06 
_reflns.pdbx_Rsym_value              ? 
_reflns.pdbx_netI_over_sigmaI        15.9 
_reflns.B_iso_Wilson_estimate        ? 
_reflns.pdbx_redundancy              3.4 
_reflns.R_free_details               ? 
_reflns.pdbx_ordinal                 1 
_reflns.pdbx_diffrn_id               1 
# 
_reflns_shell.d_res_high             2.35 
_reflns_shell.d_res_low              2.39 
_reflns_shell.percent_possible_all   95.8 
_reflns_shell.Rmerge_I_obs           0.316 
_reflns_shell.pdbx_Rsym_value        ? 
_reflns_shell.meanI_over_sigI_obs    3.2 
_reflns_shell.pdbx_redundancy        3.0 
_reflns_shell.percent_possible_obs   ? 
_reflns_shell.number_unique_all      92 
_reflns_shell.pdbx_ordinal           1 
_reflns_shell.pdbx_diffrn_id         1 
# 
_refine.entry_id                                 1RRU 
_refine.ls_d_res_high                            2.35 
_refine.ls_d_res_low                             6.00 
_refine.pdbx_ls_sigma_F                          3.0 
_refine.pdbx_ls_sigma_I                          ? 
_refine.ls_number_reflns_all                     1955 
_refine.ls_number_reflns_obs                     1453 
_refine.ls_number_reflns_R_free                  129 
_refine.ls_percent_reflns_obs                    74 
_refine.ls_R_factor_all                          ? 
_refine.ls_R_factor_obs                          ? 
_refine.ls_R_factor_R_work                       0.219 
_refine.ls_R_factor_R_free                       0.292 
_refine.ls_redundancy_reflns_obs                 ? 
_refine.pdbx_data_cutoff_high_absF               ? 
_refine.pdbx_data_cutoff_low_absF                ? 
_refine.ls_number_parameters                     ? 
_refine.ls_number_restraints                     ? 
_refine.ls_percent_reflns_R_free                 ? 
_refine.ls_R_factor_R_free_error                 ? 
_refine.ls_R_factor_R_free_error_details         ? 
_refine.pdbx_method_to_determine_struct          'MOLECULAR REPLACEMENT' 
_refine.pdbx_starting_model                      'PDB entry 1PUP' 
_refine.pdbx_ls_cross_valid_method               troughout 
_refine.pdbx_R_Free_selection_details            random 
_refine.pdbx_stereochem_target_val_spec_case     ? 
_refine.pdbx_stereochemistry_target_values       'Engh & Huber' 
_refine.solvent_model_details                    ? 
_refine.solvent_model_param_bsol                 ? 
_refine.solvent_model_param_ksol                 ? 
_refine.occupancy_max                            ? 
_refine.occupancy_min                            ? 
_refine.pdbx_isotropic_thermal_model             isotropic 
_refine.B_iso_mean                               38.4 
_refine.aniso_B[1][1]                            ? 
_refine.aniso_B[1][2]                            ? 
_refine.aniso_B[1][3]                            ? 
_refine.aniso_B[2][2]                            ? 
_refine.aniso_B[2][3]                            ? 
_refine.aniso_B[3][3]                            ? 
_refine.details                                  'Own parameter and topology file created' 
_refine.correlation_coeff_Fo_to_Fc               ? 
_refine.correlation_coeff_Fo_to_Fc_free          ? 
_refine.pdbx_solvent_vdw_probe_radii             ? 
_refine.pdbx_solvent_ion_probe_radii             ? 
_refine.pdbx_solvent_shrinkage_radii             ? 
_refine.overall_SU_R_Cruickshank_DPI             ? 
_refine.overall_SU_R_free                        ? 
_refine.overall_SU_B                             ? 
_refine.overall_SU_ML                            ? 
_refine.pdbx_overall_ESU_R                       ? 
_refine.pdbx_overall_ESU_R_Free                  ? 
_refine.pdbx_data_cutoff_high_rms_absF           ? 
_refine.pdbx_refine_id                           'X-RAY DIFFRACTION' 
_refine.pdbx_diffrn_id                           1 
_refine.pdbx_TLS_residual_ADP_flag               ? 
_refine.pdbx_overall_phase_error                 ? 
_refine.pdbx_overall_SU_R_free_Cruickshank_DPI   ? 
_refine.pdbx_overall_SU_R_Blow_DPI               ? 
_refine.pdbx_overall_SU_R_free_Blow_DPI          ? 
# 
_refine_hist.pdbx_refine_id                   'X-RAY DIFFRACTION' 
_refine_hist.cycle_id                         LAST 
_refine_hist.pdbx_number_atoms_protein        254 
_refine_hist.pdbx_number_atoms_nucleic_acid   0 
_refine_hist.pdbx_number_atoms_ligand         0 
_refine_hist.number_atoms_solvent             28 
_refine_hist.number_atoms_total               282 
_refine_hist.d_res_high                       2.35 
_refine_hist.d_res_low                        6.00 
# 
loop_
_refine_ls_restr.type 
_refine_ls_restr.dev_ideal 
_refine_ls_restr.dev_ideal_target 
_refine_ls_restr.weight 
_refine_ls_restr.number 
_refine_ls_restr.pdbx_refine_id 
_refine_ls_restr.pdbx_restraint_function 
x_bond_d    0.021 ? ? ? 'X-RAY DIFFRACTION' ? 
x_angle_deg 3.5   ? ? ? 'X-RAY DIFFRACTION' ? 
# 
_refine_ls_shell.pdbx_total_number_of_bins_used   ? 
_refine_ls_shell.d_res_high                       2.35 
_refine_ls_shell.d_res_low                        2.45 
_refine_ls_shell.number_reflns_R_work             ? 
_refine_ls_shell.R_factor_R_work                  0.321 
_refine_ls_shell.percent_reflns_obs               ? 
_refine_ls_shell.R_factor_R_free                  0.366 
_refine_ls_shell.R_factor_R_free_error            ? 
_refine_ls_shell.percent_reflns_R_free            ? 
_refine_ls_shell.number_reflns_R_free             15 
_refine_ls_shell.redundancy_reflns_obs            ? 
_refine_ls_shell.pdbx_refine_id                   'X-RAY DIFFRACTION' 
_refine_ls_shell.number_reflns_all                ? 
_refine_ls_shell.R_factor_all                     ? 
# 
_struct.entry_id                  1RRU 
_struct.title                     
'The influence of a chiral amino acid on the helical handedness of PNA in solution and in crystals' 
_struct.pdbx_model_details        ? 
_struct.pdbx_CASP_flag            ? 
_struct.pdbx_model_type_details   ? 
# 
_struct_keywords.entry_id        1RRU 
_struct_keywords.pdbx_keywords   'PEPTIDE NUCLEIC ACID' 
_struct_keywords.text            'PNA, peptide nucleic acid, L-Lysine, helical handedness, P-form, molecular mechanics' 
# 
loop_
_struct_asym.id 
_struct_asym.pdbx_blank_PDB_chainid_flag 
_struct_asym.pdbx_modified 
_struct_asym.entity_id 
_struct_asym.details 
A N N 1 ? 
B N N 1 ? 
C N N 2 ? 
D N N 2 ? 
# 
loop_
_struct_conn.id 
_struct_conn.conn_type_id 
_struct_conn.pdbx_leaving_atom_flag 
_struct_conn.pdbx_PDB_id 
_struct_conn.ptnr1_label_asym_id 
_struct_conn.ptnr1_label_comp_id 
_struct_conn.ptnr1_label_seq_id 
_struct_conn.ptnr1_label_atom_id 
_struct_conn.pdbx_ptnr1_label_alt_id 
_struct_conn.pdbx_ptnr1_PDB_ins_code 
_struct_conn.pdbx_ptnr1_standard_comp_id 
_struct_conn.ptnr1_symmetry 
_struct_conn.ptnr2_label_asym_id 
_struct_conn.ptnr2_label_comp_id 
_struct_conn.ptnr2_label_seq_id 
_struct_conn.ptnr2_label_atom_id 
_struct_conn.pdbx_ptnr2_label_alt_id 
_struct_conn.pdbx_ptnr2_PDB_ins_code 
_struct_conn.ptnr1_auth_asym_id 
_struct_conn.ptnr1_auth_comp_id 
_struct_conn.ptnr1_auth_seq_id 
_struct_conn.ptnr2_auth_asym_id 
_struct_conn.ptnr2_auth_comp_id 
_struct_conn.ptnr2_auth_seq_id 
_struct_conn.ptnr2_symmetry 
_struct_conn.pdbx_ptnr3_label_atom_id 
_struct_conn.pdbx_ptnr3_label_seq_id 
_struct_conn.pdbx_ptnr3_label_comp_id 
_struct_conn.pdbx_ptnr3_label_asym_id 
_struct_conn.pdbx_ptnr3_label_alt_id 
_struct_conn.pdbx_ptnr3_PDB_ins_code 
_struct_conn.details 
_struct_conn.pdbx_dist_value 
_struct_conn.pdbx_value_order 
_struct_conn.pdbx_role 
covale1  covale both ? A CPN 1 C  ? ? ? 1_555 A GPN 2 N  ? ? A CPN 1  A GPN 2  1_555 ? ? ? ? ? ? ?            1.322 ? ? 
covale2  covale both ? A GPN 2 C  ? ? ? 1_555 A TPN 3 N  ? ? A GPN 2  A TPN 3  1_555 ? ? ? ? ? ? ?            1.358 ? ? 
covale3  covale both ? A TPN 3 C  A ? ? 1_555 A APN 4 N  B ? A TPN 3  A APN 4  1_555 ? ? ? ? ? ? ?            0.811 ? ? 
covale4  covale both ? A TPN 3 C  B ? ? 1_555 A APN 4 N  A ? A TPN 3  A APN 4  1_555 ? ? ? ? ? ? ?            1.225 ? ? 
covale5  covale both ? A TPN 3 C  A ? ? 1_555 A APN 4 N  A ? A TPN 3  A APN 4  1_555 ? ? ? ? ? ? ?            1.372 ? ? 
covale6  covale both ? A TPN 3 C  B ? ? 1_555 A APN 4 N  B ? A TPN 3  A APN 4  1_555 ? ? ? ? ? ? ?            1.363 ? ? 
covale7  covale both ? A APN 4 C  ? ? ? 1_555 A CPN 5 N  ? ? A APN 4  A CPN 5  1_555 ? ? ? ? ? ? ?            1.298 ? ? 
covale8  covale both ? A CPN 5 C  ? ? ? 1_555 A GPN 6 N  ? ? A CPN 5  A GPN 6  1_555 ? ? ? ? ? ? ?            1.320 ? ? 
covale9  covale both ? A GPN 6 C  ? ? ? 1_555 A LYS 7 N  ? ? A GPN 6  A LYS 7  1_555 ? ? ? ? ? ? ?            1.351 ? ? 
covale10 covale both ? A LYS 7 C  ? ? ? 1_555 A NH2 8 N  ? ? A LYS 7  A NH2 8  1_555 ? ? ? ? ? ? ?            1.346 ? ? 
covale11 covale both ? B CPN 1 C  ? ? ? 1_555 B GPN 2 N  ? ? B CPN 9  B GPN 10 1_555 ? ? ? ? ? ? ?            1.337 ? ? 
covale12 covale both ? B GPN 2 C  ? ? ? 1_555 B TPN 3 N  ? ? B GPN 10 B TPN 11 1_555 ? ? ? ? ? ? ?            1.338 ? ? 
covale13 covale both ? B TPN 3 C  A ? ? 1_555 B APN 4 N  B ? B TPN 11 B APN 12 1_555 ? ? ? ? ? ? ?            0.740 ? ? 
covale14 covale both ? B TPN 3 C  B ? ? 1_555 B APN 4 N  A ? B TPN 11 B APN 12 1_555 ? ? ? ? ? ? ?            1.314 ? ? 
covale15 covale both ? B TPN 3 C  B ? ? 1_555 B APN 4 N  B ? B TPN 11 B APN 12 1_555 ? ? ? ? ? ? ?            1.359 ? ? 
covale16 covale both ? B TPN 3 C  A ? ? 1_555 B APN 4 N  A ? B TPN 11 B APN 12 1_555 ? ? ? ? ? ? ?            1.365 ? ? 
covale17 covale both ? B APN 4 C  ? ? ? 1_555 B CPN 5 N  ? ? B APN 12 B CPN 13 1_555 ? ? ? ? ? ? ?            1.320 ? ? 
covale18 covale both ? B CPN 5 C  ? ? ? 1_555 B GPN 6 N  ? ? B CPN 13 B GPN 14 1_555 ? ? ? ? ? ? ?            1.317 ? ? 
covale19 covale both ? B GPN 6 C  ? ? ? 1_555 B LYS 7 N  ? ? B GPN 14 B LYS 15 1_555 ? ? ? ? ? ? ?            1.397 ? ? 
covale20 covale both ? B LYS 7 C  ? ? ? 1_555 B NH2 8 N  ? ? B LYS 15 B NH2 16 1_555 ? ? ? ? ? ? ?            1.312 ? ? 
hydrog1  hydrog ?    ? A CPN 1 N3 ? ? ? 1_555 A GPN 6 N1 ? ? A CPN 1  A GPN 6  2_555 ? ? ? ? ? ? WATSON-CRICK ?     ? ? 
hydrog2  hydrog ?    ? A CPN 1 N4 ? ? ? 1_555 A GPN 6 O6 ? ? A CPN 1  A GPN 6  2_555 ? ? ? ? ? ? WATSON-CRICK ?     ? ? 
hydrog3  hydrog ?    ? A CPN 1 O2 ? ? ? 1_555 A GPN 6 N2 ? ? A CPN 1  A GPN 6  2_555 ? ? ? ? ? ? WATSON-CRICK ?     ? ? 
hydrog4  hydrog ?    ? A GPN 2 N1 ? ? ? 1_555 A CPN 5 N3 ? ? A GPN 2  A CPN 5  2_555 ? ? ? ? ? ? WATSON-CRICK ?     ? ? 
hydrog5  hydrog ?    ? A GPN 2 N2 ? ? ? 1_555 A CPN 5 O2 ? ? A GPN 2  A CPN 5  2_555 ? ? ? ? ? ? WATSON-CRICK ?     ? ? 
hydrog6  hydrog ?    ? A GPN 2 O6 ? ? ? 1_555 A CPN 5 N4 ? ? A GPN 2  A CPN 5  2_555 ? ? ? ? ? ? WATSON-CRICK ?     ? ? 
hydrog7  hydrog ?    ? A TPN 3 N3 ? ? ? 1_555 A APN 4 N1 ? ? A TPN 3  A APN 4  2_555 ? ? ? ? ? ? WATSON-CRICK ?     ? ? 
hydrog8  hydrog ?    ? A TPN 3 O4 ? ? ? 1_555 A APN 4 N6 ? ? A TPN 3  A APN 4  2_555 ? ? ? ? ? ? WATSON-CRICK ?     ? ? 
hydrog9  hydrog ?    ? A APN 4 N1 ? ? ? 1_555 A TPN 3 N3 ? ? A APN 4  A TPN 3  2_555 ? ? ? ? ? ? WATSON-CRICK ?     ? ? 
hydrog10 hydrog ?    ? A APN 4 N6 ? ? ? 1_555 A TPN 3 O4 ? ? A APN 4  A TPN 3  2_555 ? ? ? ? ? ? WATSON-CRICK ?     ? ? 
hydrog11 hydrog ?    ? A CPN 5 N3 ? ? ? 1_555 A GPN 2 N1 ? ? A CPN 5  A GPN 2  2_555 ? ? ? ? ? ? WATSON-CRICK ?     ? ? 
hydrog12 hydrog ?    ? A CPN 5 N4 ? ? ? 1_555 A GPN 2 O6 ? ? A CPN 5  A GPN 2  2_555 ? ? ? ? ? ? WATSON-CRICK ?     ? ? 
hydrog13 hydrog ?    ? A CPN 5 O2 ? ? ? 1_555 A GPN 2 N2 ? ? A CPN 5  A GPN 2  2_555 ? ? ? ? ? ? WATSON-CRICK ?     ? ? 
hydrog14 hydrog ?    ? A GPN 6 N1 ? ? ? 1_555 A CPN 1 N3 ? ? A GPN 6  A CPN 1  2_555 ? ? ? ? ? ? WATSON-CRICK ?     ? ? 
hydrog15 hydrog ?    ? A GPN 6 N2 ? ? ? 1_555 A CPN 1 O2 ? ? A GPN 6  A CPN 1  2_555 ? ? ? ? ? ? WATSON-CRICK ?     ? ? 
hydrog16 hydrog ?    ? A GPN 6 O6 ? ? ? 1_555 A CPN 1 N4 ? ? A GPN 6  A CPN 1  2_555 ? ? ? ? ? ? WATSON-CRICK ?     ? ? 
hydrog17 hydrog ?    ? B CPN 1 N3 ? ? ? 1_555 B GPN 6 N1 ? ? B CPN 9  B GPN 14 2_656 ? ? ? ? ? ? WATSON-CRICK ?     ? ? 
hydrog18 hydrog ?    ? B CPN 1 N4 ? ? ? 1_555 B GPN 6 O6 ? ? B CPN 9  B GPN 14 2_656 ? ? ? ? ? ? WATSON-CRICK ?     ? ? 
hydrog19 hydrog ?    ? B CPN 1 O2 ? ? ? 1_555 B GPN 6 N2 ? ? B CPN 9  B GPN 14 2_656 ? ? ? ? ? ? WATSON-CRICK ?     ? ? 
hydrog20 hydrog ?    ? B GPN 2 N1 ? ? ? 1_555 B CPN 5 N3 ? ? B GPN 10 B CPN 13 2_656 ? ? ? ? ? ? WATSON-CRICK ?     ? ? 
hydrog21 hydrog ?    ? B GPN 2 N2 ? ? ? 1_555 B CPN 5 O2 ? ? B GPN 10 B CPN 13 2_656 ? ? ? ? ? ? WATSON-CRICK ?     ? ? 
hydrog22 hydrog ?    ? B GPN 2 O6 ? ? ? 1_555 B CPN 5 N4 ? ? B GPN 10 B CPN 13 2_656 ? ? ? ? ? ? WATSON-CRICK ?     ? ? 
hydrog23 hydrog ?    ? B TPN 3 N3 ? ? ? 1_555 B APN 4 N1 ? ? B TPN 11 B APN 12 2_656 ? ? ? ? ? ? WATSON-CRICK ?     ? ? 
hydrog24 hydrog ?    ? B TPN 3 O4 ? ? ? 1_555 B APN 4 N6 ? ? B TPN 11 B APN 12 2_656 ? ? ? ? ? ? WATSON-CRICK ?     ? ? 
hydrog25 hydrog ?    ? B APN 4 N1 ? ? ? 1_555 B TPN 3 N3 ? ? B APN 12 B TPN 11 2_656 ? ? ? ? ? ? WATSON-CRICK ?     ? ? 
hydrog26 hydrog ?    ? B APN 4 N6 ? ? ? 1_555 B TPN 3 O4 ? ? B APN 12 B TPN 11 2_656 ? ? ? ? ? ? WATSON-CRICK ?     ? ? 
hydrog27 hydrog ?    ? B CPN 5 N3 ? ? ? 1_555 B GPN 2 N1 ? ? B CPN 13 B GPN 10 2_656 ? ? ? ? ? ? WATSON-CRICK ?     ? ? 
hydrog28 hydrog ?    ? B CPN 5 N4 ? ? ? 1_555 B GPN 2 O6 ? ? B CPN 13 B GPN 10 2_656 ? ? ? ? ? ? WATSON-CRICK ?     ? ? 
hydrog29 hydrog ?    ? B CPN 5 O2 ? ? ? 1_555 B GPN 2 N2 ? ? B CPN 13 B GPN 10 2_656 ? ? ? ? ? ? WATSON-CRICK ?     ? ? 
hydrog30 hydrog ?    ? B GPN 6 N1 ? ? ? 1_555 B CPN 1 N3 ? ? B GPN 14 B CPN 9  2_656 ? ? ? ? ? ? WATSON-CRICK ?     ? ? 
hydrog31 hydrog ?    ? B GPN 6 N2 ? ? ? 1_555 B CPN 1 O2 ? ? B GPN 14 B CPN 9  2_656 ? ? ? ? ? ? WATSON-CRICK ?     ? ? 
hydrog32 hydrog ?    ? B GPN 6 O6 ? ? ? 1_555 B CPN 1 N4 ? ? B GPN 14 B CPN 9  2_656 ? ? ? ? ? ? WATSON-CRICK ?     ? ? 
# 
loop_
_struct_conn_type.id 
_struct_conn_type.criteria 
_struct_conn_type.reference 
covale ? ? 
hydrog ? ? 
# 
loop_
_struct_site.id 
_struct_site.pdbx_evidence_code 
_struct_site.pdbx_auth_asym_id 
_struct_site.pdbx_auth_comp_id 
_struct_site.pdbx_auth_seq_id 
_struct_site.pdbx_auth_ins_code 
_struct_site.pdbx_num_residues 
_struct_site.details 
AC1 Software A NH2 8  ? 1 'BINDING SITE FOR RESIDUE NH2 A 8'  
AC2 Software B NH2 16 ? 2 'BINDING SITE FOR RESIDUE NH2 B 16' 
# 
loop_
_struct_site_gen.id 
_struct_site_gen.site_id 
_struct_site_gen.pdbx_num_res 
_struct_site_gen.label_comp_id 
_struct_site_gen.label_asym_id 
_struct_site_gen.label_seq_id 
_struct_site_gen.pdbx_auth_ins_code 
_struct_site_gen.auth_comp_id 
_struct_site_gen.auth_asym_id 
_struct_site_gen.auth_seq_id 
_struct_site_gen.label_atom_id 
_struct_site_gen.label_alt_id 
_struct_site_gen.symmetry 
_struct_site_gen.details 
1 AC1 1 LYS A 7 ? LYS A 7  . ? 1_555 ? 
2 AC2 2 GPN B 6 ? GPN B 14 . ? 2_656 ? 
3 AC2 2 LYS B 7 ? LYS B 15 . ? 2_656 ? 
# 
_atom_sites.entry_id                    1RRU 
_atom_sites.fract_transf_matrix[1][1]   -0.02370929 
_atom_sites.fract_transf_matrix[1][2]   -0.01141983 
_atom_sites.fract_transf_matrix[1][3]   0.00695769 
_atom_sites.fract_transf_matrix[2][1]   0.01066578 
_atom_sites.fract_transf_matrix[2][2]   -0.01271680 
_atom_sites.fract_transf_matrix[2][3]   0.01547273 
_atom_sites.fract_transf_matrix[3][1]   -0.00530991 
_atom_sites.fract_transf_matrix[3][2]   0.02251846 
_atom_sites.fract_transf_matrix[3][3]   0.02216785 
_atom_sites.fract_transf_vector[1]      0.501169 
_atom_sites.fract_transf_vector[2]      0.098127 
_atom_sites.fract_transf_vector[3]      0.672305 
# 
loop_
_atom_type.symbol 
C 
N 
O 
# 
loop_
_atom_site.group_PDB 
_atom_site.id 
_atom_site.type_symbol 
_atom_site.label_atom_id 
_atom_site.label_alt_id 
_atom_site.label_comp_id 
_atom_site.label_asym_id 
_atom_site.label_entity_id 
_atom_site.label_seq_id 
_atom_site.pdbx_PDB_ins_code 
_atom_site.Cartn_x 
_atom_site.Cartn_y 
_atom_site.Cartn_z 
_atom_site.occupancy 
_atom_site.B_iso_or_equiv 
_atom_site.pdbx_formal_charge 
_atom_site.auth_seq_id 
_atom_site.auth_comp_id 
_atom_site.auth_asym_id 
_atom_site.auth_atom_id 
_atom_site.pdbx_PDB_model_num 
HETATM 1   C "C8'" . CPN A 1 1 ? 31.174 -5.529 -24.406 1.00 37.90 ? 1  CPN A "C8'" 1 
HETATM 2   C "C7'" . CPN A 1 1 ? 30.894 -4.254 -23.682 1.00 44.98 ? 1  CPN A "C7'" 1 
HETATM 3   O "O7'" . CPN A 1 1 ? 29.905 -4.182 -22.970 1.00 52.10 ? 1  CPN A "O7'" 1 
HETATM 4   C "C5'" . CPN A 1 1 ? 31.289 -2.087 -22.893 1.00 56.45 ? 1  CPN A "C5'" 1 
HETATM 5   C C     . CPN A 1 1 ? 30.626 -1.023 -23.709 1.00 61.08 ? 1  CPN A C     1 
HETATM 6   O O     . CPN A 1 1 ? 30.605 0.154  -23.319 1.00 68.44 ? 1  CPN A O     1 
HETATM 7   N "N4'" . CPN A 1 1 ? 31.679 -3.212 -23.710 1.00 52.49 ? 1  CPN A "N4'" 1 
HETATM 8   C "C3'" . CPN A 1 1 ? 33.031 -3.110 -24.343 1.00 60.36 ? 1  CPN A "C3'" 1 
HETATM 9   C "C2'" . CPN A 1 1 ? 33.097 -3.176 -25.927 1.00 62.90 ? 1  CPN A "C2'" 1 
HETATM 10  N N     . CPN A 1 1 ? 33.848 -4.328 -26.503 1.00 61.47 ? 1  CPN A N     1 
HETATM 11  N N1    . CPN A 1 1 ? 30.039 -6.480 -24.228 1.00 31.50 ? 1  CPN A N1    1 
HETATM 12  C C2    . CPN A 1 1 ? 29.014 -6.302 -25.124 1.00 26.59 ? 1  CPN A C2    1 
HETATM 13  N N3    . CPN A 1 1 ? 27.954 -7.140 -25.047 1.00 18.69 ? 1  CPN A N3    1 
HETATM 14  C C4    . CPN A 1 1 ? 27.929 -8.106 -24.103 1.00 22.35 ? 1  CPN A C4    1 
HETATM 15  C C5    . CPN A 1 1 ? 28.963 -8.308 -23.184 1.00 20.51 ? 1  CPN A C5    1 
HETATM 16  C C6    . CPN A 1 1 ? 29.993 -7.463 -23.287 1.00 26.94 ? 1  CPN A C6    1 
HETATM 17  O O2    . CPN A 1 1 ? 29.128 -5.401 -25.959 1.00 23.82 ? 1  CPN A O2    1 
HETATM 18  N N4    . CPN A 1 1 ? 26.881 -8.915 -23.981 1.00 22.35 ? 1  CPN A N4    1 
HETATM 19  C "C8'" . GPN A 1 2 ? 26.960 -2.836 -24.616 1.00 31.01 ? 2  GPN A "C8'" 1 
HETATM 20  C "C7'" . GPN A 1 2 ? 26.870 -1.550 -23.846 1.00 39.76 ? 2  GPN A "C7'" 1 
HETATM 21  O "O7'" . GPN A 1 2 ? 26.301 -1.438 -22.782 1.00 42.97 ? 2  GPN A "O7'" 1 
HETATM 22  C "C5'" . GPN A 1 2 ? 27.038 0.839  -23.793 1.00 51.22 ? 2  GPN A "C5'" 1 
HETATM 23  C C     . GPN A 1 2 ? 25.765 1.551  -24.362 1.00 54.09 ? 2  GPN A C     1 
HETATM 24  O O     . GPN A 1 2 ? 25.344 2.578  -23.790 1.00 55.96 ? 2  GPN A O     1 
HETATM 25  N "N4'" . GPN A 1 2 ? 27.327 -0.468 -24.385 1.00 46.64 ? 2  GPN A "N4'" 1 
HETATM 26  C "C3'" . GPN A 1 2 ? 27.935 -0.470 -25.712 1.00 53.41 ? 2  GPN A "C3'" 1 
HETATM 27  C "C2'" . GPN A 1 2 ? 29.480 -0.373 -25.674 1.00 60.07 ? 2  GPN A "C2'" 1 
HETATM 28  N N     . GPN A 1 2 ? 30.119 -1.399 -24.870 1.00 58.66 ? 2  GPN A N     1 
HETATM 29  N N9    . GPN A 1 2 ? 26.204 -3.928 -23.978 1.00 31.29 ? 2  GPN A N9    1 
HETATM 30  C C8    . GPN A 1 2 ? 26.588 -4.702 -22.918 1.00 33.99 ? 2  GPN A C8    1 
HETATM 31  N N7    . GPN A 1 2 ? 25.720 -5.621 -22.563 1.00 37.09 ? 2  GPN A N7    1 
HETATM 32  C C5    . GPN A 1 2 ? 24.688 -5.453 -23.441 1.00 29.70 ? 2  GPN A C5    1 
HETATM 33  C C6    . GPN A 1 2 ? 23.532 -6.152 -23.487 1.00 31.58 ? 2  GPN A C6    1 
HETATM 34  O O6    . GPN A 1 2 ? 23.193 -7.026 -22.726 1.00 29.41 ? 2  GPN A O6    1 
HETATM 35  N N1    . GPN A 1 2 ? 22.721 -5.713 -24.482 1.00 33.22 ? 2  GPN A N1    1 
HETATM 36  C C2    . GPN A 1 2 ? 23.015 -4.679 -25.347 1.00 34.35 ? 2  GPN A C2    1 
HETATM 37  N N2    . GPN A 1 2 ? 22.099 -4.404 -26.295 1.00 37.31 ? 2  GPN A N2    1 
HETATM 38  N N3    . GPN A 1 2 ? 24.147 -3.971 -25.309 1.00 32.44 ? 2  GPN A N3    1 
HETATM 39  C C4    . GPN A 1 2 ? 24.942 -4.433 -24.316 1.00 34.48 ? 2  GPN A C4    1 
HETATM 40  C "C8'" . TPN A 1 3 ? 21.719 -0.906 -24.496 1.00 33.63 ? 3  TPN A "C8'" 1 
HETATM 41  C "C7'" . TPN A 1 3 ? 21.638 0.412  -23.827 1.00 37.10 ? 3  TPN A "C7'" 1 
HETATM 42  O "O7'" . TPN A 1 3 ? 21.120 0.474  -22.730 1.00 43.10 ? 3  TPN A "O7'" 1 
HETATM 43  C "C5'" A TPN A 1 3 ? 21.627 2.816  -24.174 0.50 35.87 ? 3  TPN A "C5'" 1 
HETATM 44  C "C5'" B TPN A 1 3 ? 21.911 2.846  -24.003 0.50 43.24 ? 3  TPN A "C5'" 1 
HETATM 45  C C     A TPN A 1 3 ? 20.126 2.996  -24.597 0.50 32.31 ? 3  TPN A C     1 
HETATM 46  C C     B TPN A 1 3 ? 20.487 3.404  -23.630 0.50 47.24 ? 3  TPN A C     1 
HETATM 47  O O     A TPN A 1 3 ? 19.645 2.347  -25.558 0.50 27.48 ? 3  TPN A O     1 
HETATM 48  O O     B TPN A 1 3 ? 20.319 3.922  -22.508 0.50 50.39 ? 3  TPN A O     1 
HETATM 49  N "N4'" . TPN A 1 3 ? 22.047 1.467  -24.509 1.00 39.47 ? 3  TPN A "N4'" 1 
HETATM 50  C "C3'" . TPN A 1 3 ? 22.632 1.326  -25.845 1.00 41.92 ? 3  TPN A "C3'" 1 
HETATM 51  C "C2'" . TPN A 1 3 ? 24.020 1.900  -25.962 1.00 44.15 ? 3  TPN A "C2'" 1 
HETATM 52  N N     . TPN A 1 3 ? 25.092 1.082  -25.445 1.00 47.28 ? 3  TPN A N     1 
HETATM 53  N N1    . TPN A 1 3 ? 21.401 -2.034 -23.605 1.00 32.25 ? 3  TPN A N1    1 
HETATM 54  C C6    . TPN A 1 3 ? 22.215 -2.460 -22.592 1.00 33.32 ? 3  TPN A C6    1 
HETATM 55  C C2    . TPN A 1 3 ? 20.222 -2.731 -23.901 1.00 33.67 ? 3  TPN A C2    1 
HETATM 56  O O2    . TPN A 1 3 ? 19.463 -2.390 -24.807 1.00 41.32 ? 3  TPN A O2    1 
HETATM 57  N N3    . TPN A 1 3 ? 19.928 -3.842 -23.135 1.00 32.36 ? 3  TPN A N3    1 
HETATM 58  C C4    . TPN A 1 3 ? 20.694 -4.313 -22.109 1.00 32.45 ? 3  TPN A C4    1 
HETATM 59  O O4    . TPN A 1 3 ? 20.330 -5.273 -21.472 1.00 32.49 ? 3  TPN A O4    1 
HETATM 60  C C5    . TPN A 1 3 ? 21.883 -3.552 -21.867 1.00 33.60 ? 3  TPN A C5    1 
HETATM 61  C C5M   . TPN A 1 3 ? 22.808 -3.983 -20.770 1.00 36.11 ? 3  TPN A C5M   1 
HETATM 62  C "C8'" . APN A 1 4 ? 17.803 0.580  -22.623 1.00 32.58 ? 4  APN A "C8'" 1 
HETATM 63  C "C7'" . APN A 1 4 ? 17.288 1.794  -21.818 1.00 40.19 ? 4  APN A "C7'" 1 
HETATM 64  O "O7'" . APN A 1 4 ? 17.268 1.705  -20.570 1.00 45.52 ? 4  APN A "O7'" 1 
HETATM 65  C "C5'" . APN A 1 4 ? 16.396 4.103  -21.719 1.00 28.61 ? 4  APN A "C5'" 1 
HETATM 66  C C     . APN A 1 4 ? 14.889 4.024  -21.525 1.00 21.28 ? 4  APN A C     1 
HETATM 67  O O     . APN A 1 4 ? 14.312 4.650  -20.654 1.00 26.57 ? 4  APN A O     1 
HETATM 68  N "N4'" . APN A 1 4 ? 16.897 2.936  -22.444 1.00 32.60 ? 4  APN A "N4'" 1 
HETATM 69  C "C3'" A APN A 1 4 ? 16.930 3.111  -23.892 0.50 29.27 ? 4  APN A "C3'" 1 
HETATM 70  C "C3'" B APN A 1 4 ? 16.926 3.089  -23.897 0.50 35.13 ? 4  APN A "C3'" 1 
HETATM 71  C "C2'" A APN A 1 4 ? 17.970 4.204  -24.134 0.50 26.29 ? 4  APN A "C2'" 1 
HETATM 72  C "C2'" B APN A 1 4 ? 18.114 4.005  -24.176 0.50 38.57 ? 4  APN A "C2'" 1 
HETATM 73  N N     A APN A 1 4 ? 19.351 3.820  -23.821 0.50 31.66 ? 4  APN A N     1 
HETATM 74  N N     B APN A 1 4 ? 19.402 3.330  -24.452 0.50 46.40 ? 4  APN A N     1 
HETATM 75  N N9    . APN A 1 4 ? 18.019 -0.483 -21.717 1.00 26.25 ? 4  APN A N9    1 
HETATM 76  C C8    . APN A 1 4 ? 19.066 -0.748 -20.865 1.00 22.89 ? 4  APN A C8    1 
HETATM 77  N N7    . APN A 1 4 ? 18.867 -1.871 -20.186 1.00 26.77 ? 4  APN A N7    1 
HETATM 78  C C5    . APN A 1 4 ? 17.651 -2.317 -20.646 1.00 27.04 ? 4  APN A C5    1 
HETATM 79  C C6    . APN A 1 4 ? 16.875 -3.423 -20.361 1.00 33.55 ? 4  APN A C6    1 
HETATM 80  N N6    . APN A 1 4 ? 17.268 -4.342 -19.518 1.00 36.67 ? 4  APN A N6    1 
HETATM 81  N N1    . APN A 1 4 ? 15.691 -3.586 -20.987 1.00 34.49 ? 4  APN A N1    1 
HETATM 82  C C2    . APN A 1 4 ? 15.350 -2.659 -21.858 1.00 33.75 ? 4  APN A C2    1 
HETATM 83  N N3    . APN A 1 4 ? 16.024 -1.561 -22.208 1.00 33.13 ? 4  APN A N3    1 
HETATM 84  C C4    . APN A 1 4 ? 17.158 -1.460 -21.562 1.00 26.65 ? 4  APN A C4    1 
HETATM 85  C "C8'" . CPN A 1 5 ? 13.809 0.195  -19.998 1.00 40.55 ? 5  CPN A "C8'" 1 
HETATM 86  C "C7'" . CPN A 1 5 ? 12.841 1.220  -19.359 1.00 40.44 ? 5  CPN A "C7'" 1 
HETATM 87  O "O7'" . CPN A 1 5 ? 12.581 1.179  -18.162 1.00 42.16 ? 5  CPN A "O7'" 1 
HETATM 88  C "C5'" . CPN A 1 5 ? 11.608 3.290  -19.431 1.00 31.49 ? 5  CPN A "C5'" 1 
HETATM 89  C C     . CPN A 1 5 ? 10.153 3.058  -19.160 1.00 29.67 ? 5  CPN A C     1 
HETATM 90  O O     . CPN A 1 5 ? 9.518  3.910  -18.544 1.00 32.98 ? 5  CPN A O     1 
HETATM 91  N "N4'" . CPN A 1 5 ? 12.240 2.166  -20.071 1.00 36.45 ? 5  CPN A "N4'" 1 
HETATM 92  C "C3'" . CPN A 1 5 ? 12.080 2.074  -21.528 1.00 34.20 ? 5  CPN A "C3'" 1 
HETATM 93  C "C2'" . CPN A 1 5 ? 12.754 3.258  -22.131 1.00 26.08 ? 5  CPN A "C2'" 1 
HETATM 94  N N     . CPN A 1 5 ? 14.191 3.160  -22.197 1.00 19.59 ? 5  CPN A N     1 
HETATM 95  N N1    . CPN A 1 5 ? 14.271 -0.845 -19.056 1.00 37.80 ? 5  CPN A N1    1 
HETATM 96  C C2    . CPN A 1 5 ? 13.405 -1.895 -18.883 1.00 38.04 ? 5  CPN A C2    1 
HETATM 97  N N3    . CPN A 1 5 ? 13.740 -2.869 -18.026 1.00 38.66 ? 5  CPN A N3    1 
HETATM 98  C C4    . CPN A 1 5 ? 14.864 -2.859 -17.340 1.00 37.82 ? 5  CPN A C4    1 
HETATM 99  C C5    . CPN A 1 5 ? 15.771 -1.773 -17.502 1.00 36.31 ? 5  CPN A C5    1 
HETATM 100 C C6    . CPN A 1 5 ? 15.444 -0.794 -18.369 1.00 38.93 ? 5  CPN A C6    1 
HETATM 101 O O2    . CPN A 1 5 ? 12.323 -1.937 -19.464 1.00 37.64 ? 5  CPN A O2    1 
HETATM 102 N N4    . CPN A 1 5 ? 15.108 -3.888 -16.522 1.00 35.26 ? 5  CPN A N4    1 
HETATM 103 C "C8'" . GPN A 1 6 ? 10.039 -0.683 -16.750 1.00 35.56 ? 6  GPN A "C8'" 1 
HETATM 104 C "C7'" . GPN A 1 6 ? 9.490  0.631  -16.167 1.00 38.94 ? 6  GPN A "C7'" 1 
HETATM 105 O "O7'" . GPN A 1 6 ? 10.023 1.144  -15.170 1.00 38.84 ? 6  GPN A "O7'" 1 
HETATM 106 C "C5'" . GPN A 1 6 ? 7.809  2.370  -16.156 0.50 37.68 ? 6  GPN A "C5'" 1 
HETATM 107 C C     . GPN A 1 6 ? 6.846  1.839  -15.099 0.50 41.03 ? 6  GPN A C     1 
HETATM 108 O O     . GPN A 1 6 ? 6.252  0.789  -15.322 0.50 31.19 ? 6  GPN A O     1 
HETATM 109 N "N4'" . GPN A 1 6 ? 8.453  1.232  -16.761 1.00 35.82 ? 6  GPN A "N4'" 1 
HETATM 110 C "C3'" . GPN A 1 6 ? 7.899  0.731  -18.023 1.00 37.74 ? 6  GPN A "C3'" 1 
HETATM 111 C "C2'" . GPN A 1 6 ? 8.247  1.636  -19.340 1.00 33.41 ? 6  GPN A "C2'" 1 
HETATM 112 N N     . GPN A 1 6 ? 9.627  1.933  -19.609 1.00 27.75 ? 6  GPN A N     1 
HETATM 113 N N9    . GPN A 1 6 ? 10.991 -1.294 -15.834 1.00 32.79 ? 6  GPN A N9    1 
HETATM 114 C C8    . GPN A 1 6 ? 12.257 -0.893 -15.582 1.00 37.08 ? 6  GPN A C8    1 
HETATM 115 N N7    . GPN A 1 6 ? 12.926 -1.645 -14.763 1.00 40.40 ? 6  GPN A N7    1 
HETATM 116 C C5    . GPN A 1 6 ? 11.975 -2.632 -14.451 1.00 39.14 ? 6  GPN A C5    1 
HETATM 117 C C6    . GPN A 1 6 ? 12.090 -3.765 -13.598 1.00 40.85 ? 6  GPN A C6    1 
HETATM 118 O O6    . GPN A 1 6 ? 13.096 -4.067 -12.950 1.00 44.52 ? 6  GPN A O6    1 
HETATM 119 N N1    . GPN A 1 6 ? 10.910 -4.527 -13.530 1.00 37.83 ? 6  GPN A N1    1 
HETATM 120 C C2    . GPN A 1 6 ? 9.776  -4.210 -14.212 1.00 36.00 ? 6  GPN A C2    1 
HETATM 121 N N2    . GPN A 1 6 ? 8.736  -5.010 -14.055 1.00 30.89 ? 6  GPN A N2    1 
HETATM 122 N N3    . GPN A 1 6 ? 9.693  -3.149 -15.009 1.00 34.21 ? 6  GPN A N3    1 
HETATM 123 C C4    . GPN A 1 6 ? 10.803 -2.409 -15.093 1.00 32.41 ? 6  GPN A C4    1 
ATOM   124 N N     . LYS A 1 7 ? 6.852  2.483  -13.911 1.00 50.29 ? 7  LYS A N     1 
ATOM   125 C CA    . LYS A 1 7 ? 5.884  2.468  -12.781 1.00 62.19 ? 7  LYS A CA    1 
ATOM   126 C C     . LYS A 1 7 ? 6.376  2.432  -11.333 1.00 65.82 ? 7  LYS A C     1 
ATOM   127 O O     . LYS A 1 7 ? 5.816  1.764  -10.435 1.00 70.13 ? 7  LYS A O     1 
ATOM   128 C CB    . LYS A 1 7 ? 4.855  1.328  -12.878 1.00 63.82 ? 7  LYS A CB    1 
ATOM   129 C CG    . LYS A 1 7 ? 3.716  1.764  -13.770 1.00 63.27 ? 7  LYS A CG    1 
ATOM   130 C CD    . LYS A 1 7 ? 2.980  0.523  -14.290 1.00 69.26 ? 7  LYS A CD    1 
ATOM   131 C CE    . LYS A 1 7 ? 1.912  0.904  -15.343 1.00 72.61 ? 7  LYS A CE    1 
ATOM   132 N NZ    . LYS A 1 7 ? 0.888  -0.123 -15.526 1.00 70.68 ? 7  LYS A NZ    1 
HETATM 133 N N     . NH2 A 1 8 ? 7.421  3.250  -11.110 1.00 63.89 ? 8  NH2 A N     1 
HETATM 134 C "C8'" . CPN B 1 1 ? 10.609 -0.610 -11.921 1.00 45.76 ? 9  CPN B "C8'" 1 
HETATM 135 C "C7'" . CPN B 1 1 ? 10.972 0.320  -10.801 1.00 54.29 ? 9  CPN B "C7'" 1 
HETATM 136 O "O7'" . CPN B 1 1 ? 10.173 0.713  -9.952  1.00 55.76 ? 9  CPN B "O7'" 1 
HETATM 137 C "C5'" . CPN B 1 1 ? 12.699 1.678  -9.864  1.00 61.77 ? 9  CPN B "C5'" 1 
HETATM 138 C C     . CPN B 1 1 ? 13.329 1.057  -8.642  1.00 62.81 ? 9  CPN B C     1 
HETATM 139 O O     . CPN B 1 1 ? 14.505 0.661  -8.686  1.00 66.80 ? 9  CPN B O     1 
HETATM 140 N "N4'" . CPN B 1 1 ? 12.234 0.709  -10.820 1.00 60.06 ? 9  CPN B "N4'" 1 
HETATM 141 C "C3'" . CPN B 1 1 ? 13.239 0.255  -11.812 1.00 66.67 ? 9  CPN B "C3'" 1 
HETATM 142 C "C2'" . CPN B 1 1 ? 14.022 -1.041 -11.328 1.00 73.27 ? 9  CPN B "C2'" 1 
HETATM 143 N N     . CPN B 1 1 ? 13.195 -2.136 -10.793 1.00 70.44 ? 9  CPN B N     1 
HETATM 144 N N1    . CPN B 1 1 ? 9.397  -1.341 -11.821 1.00 37.55 ? 9  CPN B N1    1 
HETATM 145 C C2    . CPN B 1 1 ? 9.439  -2.610 -11.271 1.00 36.57 ? 9  CPN B C2    1 
HETATM 146 N N3    . CPN B 1 1 ? 8.324  -3.326 -11.320 1.00 37.37 ? 9  CPN B N3    1 
HETATM 147 C C4    . CPN B 1 1 ? 7.218  -2.827 -11.883 1.00 40.26 ? 9  CPN B C4    1 
HETATM 148 C C5    . CPN B 1 1 ? 7.187  -1.555 -12.432 1.00 40.22 ? 9  CPN B C5    1 
HETATM 149 C C6    . CPN B 1 1 ? 8.315  -0.855 -12.369 1.00 40.10 ? 9  CPN B C6    1 
HETATM 150 O O2    . CPN B 1 1 ? 10.444 -3.093 -10.756 1.00 32.69 ? 9  CPN B O2    1 
HETATM 151 N N4    . CPN B 1 1 ? 6.052  -3.484 -11.931 1.00 46.42 ? 9  CPN B N4    1 
HETATM 152 C "C8'" . GPN B 1 2 ? 10.304 -1.621 -7.154  1.00 35.49 ? 10 GPN B "C8'" 1 
HETATM 153 C "C7'" . GPN B 1 2 ? 10.438 -1.183 -5.707  1.00 41.34 ? 10 GPN B "C7'" 1 
HETATM 154 O "O7'" . GPN B 1 2 ? 9.441  -1.067 -5.015  1.00 45.74 ? 10 GPN B "O7'" 1 
HETATM 155 C "C5'" . GPN B 1 2 ? 11.722 -0.338 -3.794  1.00 50.02 ? 10 GPN B "C5'" 1 
HETATM 156 C C     . GPN B 1 2 ? 12.178 -1.204 -2.592  1.00 50.50 ? 10 GPN B C     1 
HETATM 157 O O     . GPN B 1 2 ? 12.566 -0.673 -1.524  1.00 49.28 ? 10 GPN B O     1 
HETATM 158 N "N4'" . GPN B 1 2 ? 11.591 -0.889 -5.145  1.00 45.77 ? 10 GPN B "N4'" 1 
HETATM 159 C "C3'" . GPN B 1 2 ? 12.854 -0.964 -5.829  1.00 53.84 ? 10 GPN B "C3'" 1 
HETATM 160 C "C2'" . GPN B 1 2 ? 13.174 0.499  -6.297  1.00 61.13 ? 10 GPN B "C2'" 1 
HETATM 161 N N     . GPN B 1 2 ? 12.556 0.955  -7.557  1.00 61.86 ? 10 GPN B N     1 
HETATM 162 N N9    . GPN B 1 2 ? 8.954  -2.162 -7.383  1.00 31.28 ? 10 GPN B N9    1 
HETATM 163 C C8    . GPN B 1 2 ? 7.893  -1.765 -8.180  1.00 33.40 ? 10 GPN B C8    1 
HETATM 164 N N7    . GPN B 1 2 ? 6.800  -2.551 -8.111  1.00 31.59 ? 10 GPN B N7    1 
HETATM 165 C C5    . GPN B 1 2 ? 7.172  -3.520 -7.205  1.00 25.96 ? 10 GPN B C5    1 
HETATM 166 C C6    . GPN B 1 2 ? 6.452  -4.590 -6.746  1.00 28.82 ? 10 GPN B C6    1 
HETATM 167 O O6    . GPN B 1 2 ? 5.301  -4.926 -6.973  1.00 19.27 ? 10 GPN B O6    1 
HETATM 168 N N1    . GPN B 1 2 ? 7.202  -5.312 -5.860  1.00 32.91 ? 10 GPN B N1    1 
HETATM 169 C C2    . GPN B 1 2 ? 8.506  -5.056 -5.435  1.00 33.29 ? 10 GPN B C2    1 
HETATM 170 N N2    . GPN B 1 2 ? 9.095  -5.911 -4.574  1.00 33.35 ? 10 GPN B N2    1 
HETATM 171 N N3    . GPN B 1 2 ? 9.218  -4.021 -5.852  1.00 29.74 ? 10 GPN B N3    1 
HETATM 172 C C4    . GPN B 1 2 ? 8.464  -3.309 -6.745  1.00 33.90 ? 10 GPN B C4    1 
HETATM 173 C "C8'" . TPN B 1 3 ? 8.738  -3.632 -2.373  1.00 26.55 ? 11 TPN B "C8'" 1 
HETATM 174 C "C7'" . TPN B 1 3 ? 9.098  -2.800 -1.207  1.00 28.81 ? 11 TPN B "C7'" 1 
HETATM 175 O "O7'" . TPN B 1 3 ? 8.369  -1.923 -0.852  1.00 35.74 ? 11 TPN B "O7'" 1 
HETATM 176 C "C5'" A TPN B 1 3 ? 10.475 -2.504 0.772   0.50 25.95 ? 11 TPN B "C5'" 1 
HETATM 177 C "C5'" B TPN B 1 3 ? 10.666 -2.170 0.551   0.50 34.72 ? 11 TPN B "C5'" 1 
HETATM 178 C C     A TPN B 1 3 ? 9.860  -3.474 1.839   0.50 22.99 ? 11 TPN B C     1 
HETATM 179 C C     B TPN B 1 3 ? 9.885  -2.209 1.883   0.50 41.19 ? 11 TPN B C     1 
HETATM 180 O O     A TPN B 1 3 ? 9.602  -4.687 1.616   0.50 11.27 ? 11 TPN B O     1 
HETATM 181 O O     B TPN B 1 3 ? 9.463  -1.131 2.353   0.50 43.50 ? 11 TPN B O     1 
HETATM 182 N "N4'" . TPN B 1 3 ? 10.222 -3.027 -0.559  1.00 32.90 ? 11 TPN B "N4'" 1 
HETATM 183 C "C3'" . TPN B 1 3 ? 11.200 -4.055 -0.977  1.00 35.04 ? 11 TPN B "C3'" 1 
HETATM 184 C "C2'" . TPN B 1 3 ? 12.469 -3.355 -1.519  1.00 41.71 ? 11 TPN B "C2'" 1 
HETATM 185 N N     . TPN B 1 3 ? 12.175 -2.537 -2.710  1.00 47.96 ? 11 TPN B N     1 
HETATM 186 N N1    . TPN B 1 3 ? 7.414  -3.499 -2.956  1.00 24.80 ? 11 TPN B N1    1 
HETATM 187 C C6    . TPN B 1 3 ? 7.013  -2.414 -3.675  1.00 25.21 ? 11 TPN B C6    1 
HETATM 188 C C2    . TPN B 1 3 ? 6.491  -4.589 -2.780  1.00 29.63 ? 11 TPN B C2    1 
HETATM 189 O O2    . TPN B 1 3 ? 6.681  -5.622 -2.157  1.00 34.19 ? 11 TPN B O2    1 
HETATM 190 N N3    . TPN B 1 3 ? 5.242  -4.493 -3.343  1.00 26.93 ? 11 TPN B N3    1 
HETATM 191 C C4    . TPN B 1 3 ? 4.818  -3.427 -4.050  1.00 19.97 ? 11 TPN B C4    1 
HETATM 192 O O4    . TPN B 1 3 ? 3.699  -3.476 -4.466  1.00 23.29 ? 11 TPN B O4    1 
HETATM 193 C C5    . TPN B 1 3 ? 5.779  -2.376 -4.197  1.00 22.33 ? 11 TPN B C5    1 
HETATM 194 C C5M   . TPN B 1 3 ? 5.466  -1.177 -4.952  1.00 23.35 ? 11 TPN B C5M   1 
HETATM 195 C "C8'" . APN B 1 4 ? 5.855  -4.028 1.659   1.00 27.06 ? 12 APN B "C8'" 1 
HETATM 196 C "C7'" . APN B 1 4 ? 5.751  -3.263 2.978   1.00 33.66 ? 12 APN B "C7'" 1 
HETATM 197 O "O7'" . APN B 1 4 ? 4.798  -2.525 3.124   1.00 33.53 ? 12 APN B "O7'" 1 
HETATM 198 C "C5'" . APN B 1 4 ? 6.361  -2.669 5.303   1.00 32.25 ? 12 APN B "C5'" 1 
HETATM 199 C C     . APN B 1 4 ? 5.488  -3.557 6.221   1.00 23.47 ? 12 APN B C     1 
HETATM 200 O O     . APN B 1 4 ? 5.241  -3.152 7.326   1.00 28.29 ? 12 APN B O     1 
HETATM 201 N "N4'" . APN B 1 4 ? 6.620  -3.345 4.004   1.00 32.74 ? 12 APN B "N4'" 1 
HETATM 202 C "C3'" A APN B 1 4 ? 7.765  -4.251 4.005   0.50 28.84 ? 12 APN B "C3'" 1 
HETATM 203 C "C3'" B APN B 1 4 ? 7.784  -4.235 3.968   0.50 33.65 ? 12 APN B "C3'" 1 
HETATM 204 C "C2'" A APN B 1 4 ? 9.017  -3.421 4.210   0.50 24.08 ? 12 APN B "C2'" 1 
HETATM 205 C "C2'" B APN B 1 4 ? 9.017  -3.362 3.870   0.50 35.64 ? 12 APN B "C2'" 1 
HETATM 206 N N     A APN B 1 4 ? 9.546  -2.821 2.996   0.50 25.93 ? 12 APN B N     1 
HETATM 207 N N     B APN B 1 4 ? 9.650  -3.374 2.542   0.50 40.66 ? 12 APN B N     1 
HETATM 208 N N9    . APN B 1 4 ? 4.834  -3.639 0.719   1.00 17.87 ? 12 APN B N9    1 
HETATM 209 C C8    . APN B 1 4 ? 4.758  -2.567 -0.170  1.00 10.05 ? 12 APN B C8    1 
HETATM 210 N N7    . APN B 1 4 ? 3.585  -2.640 -0.839  1.00 16.15 ? 12 APN B N7    1 
HETATM 211 C C5    . APN B 1 4 ? 2.947  -3.749 -0.366  1.00 16.81 ? 12 APN B C5    1 
HETATM 212 C C6    . APN B 1 4 ? 1.730  -4.348 -0.624  1.00 28.35 ? 12 APN B C6    1 
HETATM 213 N N6    . APN B 1 4 ? 0.898  -3.814 -1.512  1.00 31.45 ? 12 APN B N6    1 
HETATM 214 N N1    . APN B 1 4 ? 1.354  -5.474 0.052   1.00 26.60 ? 12 APN B N1    1 
HETATM 215 C C2    . APN B 1 4 ? 2.218  -5.892 0.906   1.00 24.34 ? 12 APN B C2    1 
HETATM 216 N N3    . APN B 1 4 ? 3.381  -5.390 1.228   1.00 18.28 ? 12 APN B N3    1 
HETATM 217 C C4    . APN B 1 4 ? 3.691  -4.336 0.577   1.00 16.77 ? 12 APN B C4    1 
HETATM 218 C "C8'" . CPN B 1 5 ? 1.486  -4.736 4.305   1.00 29.41 ? 13 CPN B "C8'" 1 
HETATM 219 C "C7'" . CPN B 1 5 ? 1.651  -3.879 5.606   1.00 32.78 ? 13 CPN B "C7'" 1 
HETATM 220 O "O7'" . CPN B 1 5 ? 1.383  -2.677 5.693   1.00 34.54 ? 13 CPN B "O7'" 1 
HETATM 221 C "C5'" . CPN B 1 5 ? 1.997  -3.866 8.034   1.00 26.71 ? 13 CPN B "C5'" 1 
HETATM 222 C C     . CPN B 1 5 ? 0.850  -4.443 8.877   1.00 21.84 ? 13 CPN B C     1 
HETATM 223 O O     . CPN B 1 5 ? 0.548  -3.915 9.929   1.00 19.08 ? 13 CPN B O     1 
HETATM 224 N "N4'" . CPN B 1 5 ? 2.128  -4.479 6.695   1.00 32.14 ? 13 CPN B "N4'" 1 
HETATM 225 C "C3'" . CPN B 1 5 ? 2.764  -5.811 6.594   1.00 31.22 ? 13 CPN B "C3'" 1 
HETATM 226 C "C2'" . CPN B 1 5 ? 4.270  -5.560 6.830   1.00 21.49 ? 13 CPN B "C2'" 1 
HETATM 227 N N     . CPN B 1 5 ? 4.939  -4.709 5.884   1.00 21.86 ? 13 CPN B N     1 
HETATM 228 N N1    . CPN B 1 5 ? 0.909  -4.014 3.193   1.00 16.78 ? 13 CPN B N1    1 
HETATM 229 C C2    . CPN B 1 5 ? -0.326 -4.391 2.795   1.00 23.15 ? 13 CPN B C2    1 
HETATM 230 N N3    . CPN B 1 5 ? -0.988 -3.629 1.927   1.00 24.89 ? 13 CPN B N3    1 
HETATM 231 C C4    . CPN B 1 5 ? -0.470 -2.504 1.457   1.00 22.93 ? 13 CPN B C4    1 
HETATM 232 C C5    . CPN B 1 5 ? 0.818  -2.087 1.861   1.00 23.16 ? 13 CPN B C5    1 
HETATM 233 C C6    . CPN B 1 5 ? 1.464  -2.886 2.729   1.00 23.03 ? 13 CPN B C6    1 
HETATM 234 O O2    . CPN B 1 5 ? -0.931 -5.354 3.230   1.00 23.13 ? 13 CPN B O2    1 
HETATM 235 N N4    . CPN B 1 5 ? -1.159 -1.784 0.576   1.00 24.86 ? 13 CPN B N4    1 
HETATM 236 C "C8'" . GPN B 1 6 ? -2.582 -4.266 6.295   1.00 24.78 ? 14 GPN B "C8'" 1 
HETATM 237 C "C7'" . GPN B 1 6 ? -2.660 -3.486 7.657   1.00 37.20 ? 14 GPN B "C7'" 1 
HETATM 238 O "O7'" . GPN B 1 6 ? -2.692 -2.229 7.633   1.00 37.64 ? 14 GPN B "O7'" 1 
HETATM 239 C "C5'" . GPN B 1 6 ? -3.088 -3.398 10.101  0.50 43.33 ? 14 GPN B "C5'" 1 
HETATM 240 C C     . GPN B 1 6 ? -4.505 -3.449 10.739  0.50 51.40 ? 14 GPN B C     1 
HETATM 241 O O     . GPN B 1 6 ? -5.366 -4.218 10.251  0.50 47.63 ? 14 GPN B O     1 
HETATM 242 N "N4'" . GPN B 1 6 ? -2.725 -4.125 8.850   1.00 37.24 ? 14 GPN B "N4'" 1 
HETATM 243 C "C3'" . GPN B 1 6 ? -2.425 -5.555 8.880   1.00 31.75 ? 14 GPN B "C3'" 1 
HETATM 244 C "C2'" . GPN B 1 6 ? -0.911 -5.961 9.298   1.00 20.80 ? 14 GPN B "C2'" 1 
HETATM 245 N N     . GPN B 1 6 ? 0.164  -5.503 8.503   1.00 15.61 ? 14 GPN B N     1 
HETATM 246 N N9    . GPN B 1 6 ? -2.990 -3.254 5.301   1.00 19.14 ? 14 GPN B N9    1 
HETATM 247 C C8    . GPN B 1 6 ? -2.305 -2.182 4.856   1.00 16.65 ? 14 GPN B C8    1 
HETATM 248 N N7    . GPN B 1 6 ? -2.924 -1.480 3.964   1.00 16.98 ? 14 GPN B N7    1 
HETATM 249 C C5    . GPN B 1 6 ? -4.136 -2.172 3.834   1.00 13.56 ? 14 GPN B C5    1 
HETATM 250 C C6    . GPN B 1 6 ? -5.271 -1.941 3.024   1.00 14.38 ? 14 GPN B C6    1 
HETATM 251 O O6    . GPN B 1 6 ? -5.409 -1.052 2.222   1.00 21.53 ? 14 GPN B O6    1 
HETATM 252 N N1    . GPN B 1 6 ? -6.301 -2.824 3.167   1.00 13.59 ? 14 GPN B N1    1 
HETATM 253 C C2    . GPN B 1 6 ? -6.249 -3.875 4.060   1.00 14.51 ? 14 GPN B C2    1 
HETATM 254 N N2    . GPN B 1 6 ? -7.281 -4.727 4.208   1.00 10.85 ? 14 GPN B N2    1 
HETATM 255 N N3    . GPN B 1 6 ? -5.155 -4.095 4.807   1.00 18.86 ? 14 GPN B N3    1 
HETATM 256 C C4    . GPN B 1 6 ? -4.153 -3.226 4.653   1.00 13.36 ? 14 GPN B C4    1 
ATOM   257 N N     . LYS B 1 7 ? -4.706 -2.590 11.821  1.00 65.90 ? 15 LYS B N     1 
ATOM   258 C CA    . LYS B 1 7 ? -5.884 -2.468 12.781  1.00 74.82 ? 15 LYS B CA    1 
ATOM   259 C C     . LYS B 1 7 ? -7.259 -2.418 12.159  1.00 78.49 ? 15 LYS B C     1 
ATOM   260 O O     . LYS B 1 7 ? -7.958 -1.423 12.299  1.00 84.26 ? 15 LYS B O     1 
ATOM   261 C CB    . LYS B 1 7 ? -5.856 -1.194 13.711  1.00 75.49 ? 15 LYS B CB    1 
ATOM   262 C CG    . LYS B 1 7 ? -4.651 -0.982 14.714  1.00 79.16 ? 15 LYS B CG    1 
ATOM   263 C CD    . LYS B 1 7 ? -4.046 0.329  14.274  1.00 78.68 ? 15 LYS B CD    1 
ATOM   264 C CE    . LYS B 1 7 ? -2.586 0.464  14.579  1.00 77.79 ? 15 LYS B CE    1 
ATOM   265 N NZ    . LYS B 1 7 ? -2.468 1.891  14.700  1.00 80.44 ? 15 LYS B NZ    1 
HETATM 266 N N     . NH2 B 1 8 ? -7.744 -3.362 11.389  1.00 81.37 ? 16 NH2 B N     1 
HETATM 267 O O     . HOH C 2 . ? 15.130 6.406  -19.019 1.00 26.46 ? 17 HOH A O     1 
HETATM 268 O O     . HOH C 2 . ? 6.853  -1.846 -15.971 1.00 72.08 ? 20 HOH A O     1 
HETATM 269 O O     . HOH C 2 . ? 16.710 8.172  -19.927 1.00 44.44 ? 21 HOH A O     1 
HETATM 270 O O     . HOH C 2 . ? 12.338 -1.931 -25.323 1.00 59.17 ? 22 HOH A O     1 
HETATM 271 O O     . HOH C 2 . ? 22.886 -1.759 -29.358 1.00 70.01 ? 23 HOH A O     1 
HETATM 272 O O     . HOH C 2 . ? 27.842 -3.162 -20.426 1.00 52.24 ? 25 HOH A O     1 
HETATM 273 O O     . HOH C 2 . ? 18.371 2.287  -17.971 1.00 50.85 ? 27 HOH A O     1 
HETATM 274 O O     . HOH C 2 . ? 30.387 -3.209 -27.530 1.00 36.52 ? 28 HOH A O     1 
HETATM 275 O O     . HOH C 2 . ? 15.392 1.376  -22.988 1.00 10.88 ? 29 HOH A O     1 
HETATM 276 O O     . HOH C 2 . ? 10.774 -0.256 -19.740 1.00 61.55 ? 30 HOH A O     1 
HETATM 277 O O     . HOH C 2 . ? 10.495 5.564  -16.930 1.00 16.75 ? 33 HOH A O     1 
HETATM 278 O O     . HOH C 2 . ? 5.048  -0.372 -9.001  1.00 26.01 ? 36 HOH A O     1 
HETATM 279 O O     . HOH C 2 . ? 20.893 -2.099 -17.914 1.00 29.13 ? 38 HOH A O     1 
HETATM 280 O O     . HOH C 2 . ? 33.629 -1.044 -28.635 1.00 65.41 ? 39 HOH A O     1 
HETATM 281 O O     . HOH C 2 . ? 23.963 0.791  -20.528 1.00 43.55 ? 43 HOH A O     1 
HETATM 282 O O     . HOH D 2 . ? -4.089 0.362  0.174   1.00 48.09 ? 18 HOH B O     1 
HETATM 283 O O     . HOH D 2 . ? -3.523 -2.104 -2.779  1.00 43.57 ? 19 HOH B O     1 
HETATM 284 O O     . HOH D 2 . ? 11.480 3.291  -12.610 1.00 62.87 ? 24 HOH B O     1 
HETATM 285 O O     . HOH D 2 . ? -1.139 -0.312 -2.248  1.00 53.83 ? 26 HOH B O     1 
HETATM 286 O O     . HOH D 2 . ? -0.311 -6.896 6.176   1.00 24.00 ? 31 HOH B O     1 
HETATM 287 O O     . HOH D 2 . ? 11.816 -4.357 -4.698  1.00 34.76 ? 32 HOH B O     1 
HETATM 288 O O     . HOH D 2 . ? -1.300 -1.024 12.078  1.00 47.44 ? 34 HOH B O     1 
HETATM 289 O O     . HOH D 2 . ? 7.969  -7.814 -0.058  1.00 41.29 ? 35 HOH B O     1 
HETATM 290 O O     . HOH D 2 . ? -1.918 -0.024 7.395   1.00 43.84 ? 37 HOH B O     1 
HETATM 291 O O     . HOH D 2 . ? 7.664  1.874  -4.323  1.00 73.26 ? 40 HOH B O     1 
HETATM 292 O O     . HOH D 2 . ? 5.067  -6.710 3.468   1.00 22.10 ? 41 HOH B O     1 
HETATM 293 O O     . HOH D 2 . ? 11.138 3.531  -6.259  1.00 75.03 ? 42 HOH B O     1 
HETATM 294 O O     . HOH D 2 . ? -5.295 -5.843 7.107   1.00 61.55 ? 44 HOH B O     1 
# 
loop_
_pdbx_poly_seq_scheme.asym_id 
_pdbx_poly_seq_scheme.entity_id 
_pdbx_poly_seq_scheme.seq_id 
_pdbx_poly_seq_scheme.mon_id 
_pdbx_poly_seq_scheme.ndb_seq_num 
_pdbx_poly_seq_scheme.pdb_seq_num 
_pdbx_poly_seq_scheme.auth_seq_num 
_pdbx_poly_seq_scheme.pdb_mon_id 
_pdbx_poly_seq_scheme.auth_mon_id 
_pdbx_poly_seq_scheme.pdb_strand_id 
_pdbx_poly_seq_scheme.pdb_ins_code 
_pdbx_poly_seq_scheme.hetero 
A 1 1 CPN 1 1  1  CPN CPN A . n 
A 1 2 GPN 2 2  2  GPN GPN A . n 
A 1 3 TPN 3 3  3  TPN TPN A . n 
A 1 4 APN 4 4  4  APN APN A . n 
A 1 5 CPN 5 5  5  CPN CPN A . n 
A 1 6 GPN 6 6  6  GPN GPN A . n 
A 1 7 LYS 7 7  7  LYS LYS A . n 
A 1 8 NH2 8 8  8  NH2 NH2 A . n 
B 1 1 CPN 1 9  9  CPN CPN B . n 
B 1 2 GPN 2 10 10 GPN GPN B . n 
B 1 3 TPN 3 11 11 TPN TPN B . n 
B 1 4 APN 4 12 12 APN APN B . n 
B 1 5 CPN 5 13 13 CPN CPN B . n 
B 1 6 GPN 6 14 14 GPN GPN B . n 
B 1 7 LYS 7 15 15 LYS LYS B . n 
B 1 8 NH2 8 16 16 NH2 NH2 B . n 
# 
loop_
_pdbx_nonpoly_scheme.asym_id 
_pdbx_nonpoly_scheme.entity_id 
_pdbx_nonpoly_scheme.mon_id 
_pdbx_nonpoly_scheme.ndb_seq_num 
_pdbx_nonpoly_scheme.pdb_seq_num 
_pdbx_nonpoly_scheme.auth_seq_num 
_pdbx_nonpoly_scheme.pdb_mon_id 
_pdbx_nonpoly_scheme.auth_mon_id 
_pdbx_nonpoly_scheme.pdb_strand_id 
_pdbx_nonpoly_scheme.pdb_ins_code 
C 2 HOH 1  17 17 HOH HOH A . 
C 2 HOH 2  20 20 HOH HOH A . 
C 2 HOH 3  21 21 HOH HOH A . 
C 2 HOH 4  22 22 HOH HOH A . 
C 2 HOH 5  23 23 HOH HOH A . 
C 2 HOH 6  25 25 HOH HOH A . 
C 2 HOH 7  27 27 HOH HOH A . 
C 2 HOH 8  28 28 HOH HOH A . 
C 2 HOH 9  29 29 HOH HOH A . 
C 2 HOH 10 30 30 HOH HOH A . 
C 2 HOH 11 33 33 HOH HOH A . 
C 2 HOH 12 36 36 HOH HOH A . 
C 2 HOH 13 38 38 HOH HOH A . 
C 2 HOH 14 39 39 HOH HOH A . 
C 2 HOH 15 43 43 HOH HOH A . 
D 2 HOH 1  18 18 HOH HOH B . 
D 2 HOH 2  19 19 HOH HOH B . 
D 2 HOH 3  24 24 HOH HOH B . 
D 2 HOH 4  26 26 HOH HOH B . 
D 2 HOH 5  31 31 HOH HOH B . 
D 2 HOH 6  32 32 HOH HOH B . 
D 2 HOH 7  34 34 HOH HOH B . 
D 2 HOH 8  35 35 HOH HOH B . 
D 2 HOH 9  37 37 HOH HOH B . 
D 2 HOH 10 40 40 HOH HOH B . 
D 2 HOH 11 41 41 HOH HOH B . 
D 2 HOH 12 42 42 HOH HOH B . 
D 2 HOH 13 44 44 HOH HOH B . 
# 
loop_
_pdbx_struct_mod_residue.id 
_pdbx_struct_mod_residue.label_asym_id 
_pdbx_struct_mod_residue.label_comp_id 
_pdbx_struct_mod_residue.label_seq_id 
_pdbx_struct_mod_residue.auth_asym_id 
_pdbx_struct_mod_residue.auth_comp_id 
_pdbx_struct_mod_residue.auth_seq_id 
_pdbx_struct_mod_residue.PDB_ins_code 
_pdbx_struct_mod_residue.parent_comp_id 
_pdbx_struct_mod_residue.details 
1  A CPN 1 A CPN 1  ? DC ? 
2  A GPN 2 A GPN 2  ? DG ? 
3  A TPN 3 A TPN 3  ? DT ? 
4  A APN 4 A APN 4  ? DA ? 
5  A CPN 5 A CPN 5  ? DC ? 
6  A GPN 6 A GPN 6  ? DG ? 
7  B CPN 1 B CPN 9  ? DC ? 
8  B GPN 2 B GPN 10 ? DG ? 
9  B TPN 3 B TPN 11 ? DT ? 
10 B APN 4 B APN 12 ? DA ? 
11 B CPN 5 B CPN 13 ? DC ? 
12 B GPN 6 B GPN 14 ? DG ? 
# 
loop_
_pdbx_struct_assembly.id 
_pdbx_struct_assembly.details 
_pdbx_struct_assembly.method_details 
_pdbx_struct_assembly.oligomeric_details 
_pdbx_struct_assembly.oligomeric_count 
1 author_defined_assembly ? dimeric 2 
2 author_defined_assembly ? dimeric 2 
# 
loop_
_pdbx_struct_assembly_gen.assembly_id 
_pdbx_struct_assembly_gen.oper_expression 
_pdbx_struct_assembly_gen.asym_id_list 
1 1,2 A,C 
2 1,3 B,D 
# 
loop_
_pdbx_struct_oper_list.id 
_pdbx_struct_oper_list.type 
_pdbx_struct_oper_list.name 
_pdbx_struct_oper_list.symmetry_operation 
_pdbx_struct_oper_list.matrix[1][1] 
_pdbx_struct_oper_list.matrix[1][2] 
_pdbx_struct_oper_list.matrix[1][3] 
_pdbx_struct_oper_list.vector[1] 
_pdbx_struct_oper_list.matrix[2][1] 
_pdbx_struct_oper_list.matrix[2][2] 
_pdbx_struct_oper_list.matrix[2][3] 
_pdbx_struct_oper_list.vector[2] 
_pdbx_struct_oper_list.matrix[3][1] 
_pdbx_struct_oper_list.matrix[3][2] 
_pdbx_struct_oper_list.matrix[3][3] 
_pdbx_struct_oper_list.vector[3] 
1 'identity operation'         1_555 x,y,z       1.0000000000  0.0000000000  0.0000000000 0.0000000000  0.0000000000  1.0000000000  0.0000000000  0.0000000000   0.0000000000 0.0000000000  1.0000000000  0.0000000000   
2 'crystal symmetry operation' 2_555 -x,y,-z     -0.5581161255 -0.5268577675 0.6410361014 37.9301486085 -0.5268577675 -0.3718279321 -0.7643067981 -13.8347316669 0.6410361014 -0.7643067981 -0.0700559424 -37.5168525098 
3 'crystal symmetry operation' 2_656 -x+1,y,-z+1 -0.5581161255 -0.5268577675 0.6410361014 1.6112065346  -0.5268577675 -0.3718279321 -0.7643067981 -7.6447421174  0.6410361014 -0.7643067981 -0.0700559424 -7.3937457524 
# 
loop_
_pdbx_audit_revision_history.ordinal 
_pdbx_audit_revision_history.data_content_type 
_pdbx_audit_revision_history.major_revision 
_pdbx_audit_revision_history.minor_revision 
_pdbx_audit_revision_history.revision_date 
1 'Structure model' 1 0 2004-01-13 
2 'Structure model' 1 1 2008-04-29 
3 'Structure model' 1 2 2011-07-13 
4 'Structure model' 1 3 2019-08-28 
5 'Structure model' 1 4 2023-08-23 
6 'Structure model' 2 0 2023-11-15 
# 
_pdbx_audit_revision_details.ordinal             1 
_pdbx_audit_revision_details.revision_ordinal    1 
_pdbx_audit_revision_details.data_content_type   'Structure model' 
_pdbx_audit_revision_details.provider            repository 
_pdbx_audit_revision_details.type                'Initial release' 
_pdbx_audit_revision_details.description         ? 
_pdbx_audit_revision_details.details             ? 
# 
loop_
_pdbx_audit_revision_group.ordinal 
_pdbx_audit_revision_group.revision_ordinal 
_pdbx_audit_revision_group.data_content_type 
_pdbx_audit_revision_group.group 
1  2 'Structure model' 'Version format compliance' 
2  3 'Structure model' 'Non-polymer description'   
3  3 'Structure model' 'Version format compliance' 
4  4 'Structure model' 'Data collection'           
5  4 'Structure model' 'Derived calculations'      
6  5 'Structure model' 'Data collection'           
7  5 'Structure model' 'Database references'       
8  5 'Structure model' 'Derived calculations'      
9  5 'Structure model' 'Refinement description'    
10 6 'Structure model' 'Atomic model'              
11 6 'Structure model' 'Data collection'           
12 6 'Structure model' 'Derived calculations'      
# 
loop_
_pdbx_audit_revision_category.ordinal 
_pdbx_audit_revision_category.revision_ordinal 
_pdbx_audit_revision_category.data_content_type 
_pdbx_audit_revision_category.category 
1  4 'Structure model' ndb_struct_conf_na            
2  4 'Structure model' ndb_struct_na_base_pair       
3  4 'Structure model' ndb_struct_na_base_pair_step  
4  4 'Structure model' struct_biol                   
5  4 'Structure model' struct_conn                   
6  5 'Structure model' chem_comp_atom                
7  5 'Structure model' chem_comp_bond                
8  5 'Structure model' database_2                    
9  5 'Structure model' pdbx_initial_refinement_model 
10 5 'Structure model' struct_conn                   
11 5 'Structure model' struct_site                   
12 6 'Structure model' atom_site                     
13 6 'Structure model' chem_comp_atom                
14 6 'Structure model' chem_comp_bond                
15 6 'Structure model' struct_conn                   
# 
loop_
_pdbx_audit_revision_item.ordinal 
_pdbx_audit_revision_item.revision_ordinal 
_pdbx_audit_revision_item.data_content_type 
_pdbx_audit_revision_item.item 
1  5 'Structure model' '_database_2.pdbx_DOI'                 
2  5 'Structure model' '_database_2.pdbx_database_accession'  
3  5 'Structure model' '_struct_conn.pdbx_dist_value'         
4  5 'Structure model' '_struct_conn.pdbx_leaving_atom_flag'  
5  5 'Structure model' '_struct_conn.pdbx_ptnr1_label_alt_id' 
6  5 'Structure model' '_struct_conn.pdbx_ptnr2_label_alt_id' 
7  5 'Structure model' '_struct_conn.ptnr1_auth_asym_id'      
8  5 'Structure model' '_struct_conn.ptnr1_auth_comp_id'      
9  5 'Structure model' '_struct_conn.ptnr1_auth_seq_id'       
10 5 'Structure model' '_struct_conn.ptnr1_label_asym_id'     
11 5 'Structure model' '_struct_conn.ptnr1_label_atom_id'     
12 5 'Structure model' '_struct_conn.ptnr1_label_comp_id'     
13 5 'Structure model' '_struct_conn.ptnr1_label_seq_id'      
14 5 'Structure model' '_struct_conn.ptnr2_auth_asym_id'      
15 5 'Structure model' '_struct_conn.ptnr2_auth_comp_id'      
16 5 'Structure model' '_struct_conn.ptnr2_auth_seq_id'       
17 5 'Structure model' '_struct_conn.ptnr2_label_asym_id'     
18 5 'Structure model' '_struct_conn.ptnr2_label_atom_id'     
19 5 'Structure model' '_struct_conn.ptnr2_label_comp_id'     
20 5 'Structure model' '_struct_conn.ptnr2_label_seq_id'      
21 5 'Structure model' '_struct_site.pdbx_auth_asym_id'       
22 5 'Structure model' '_struct_site.pdbx_auth_comp_id'       
23 5 'Structure model' '_struct_site.pdbx_auth_seq_id'        
24 6 'Structure model' '_atom_site.auth_atom_id'              
25 6 'Structure model' '_atom_site.label_atom_id'             
26 6 'Structure model' '_chem_comp_atom.atom_id'              
27 6 'Structure model' '_chem_comp_bond.atom_id_1'            
28 6 'Structure model' '_chem_comp_bond.atom_id_2'            
29 6 'Structure model' '_struct_conn.pdbx_leaving_atom_flag'  
30 6 'Structure model' '_struct_conn.ptnr1_label_atom_id'     
31 6 'Structure model' '_struct_conn.ptnr2_label_atom_id'     
# 
loop_
_software.name 
_software.classification 
_software.version 
_software.citation_id 
_software.pdbx_ordinal 
DENZO    'data reduction' .            ? 1 
TRUNCATE 'data reduction' .            ? 2 
AMoRE    phasing          .            ? 3 
X-PLOR   refinement       3.851        ? 4 
CCP4     'data scaling'   '(TRUNCATE)' ? 5 
# 
loop_
_chem_comp_atom.comp_id 
_chem_comp_atom.atom_id 
_chem_comp_atom.type_symbol 
_chem_comp_atom.pdbx_aromatic_flag 
_chem_comp_atom.pdbx_stereo_config 
_chem_comp_atom.pdbx_ordinal 
APN "C8'"  C N N 1   
APN "C7'"  C N N 2   
APN "O7'"  O N N 3   
APN "C5'"  C N N 4   
APN C      C N N 5   
APN O      O N N 6   
APN OXT    O N N 7   
APN "N4'"  N N N 8   
APN "C3'"  C N N 9   
APN "C2'"  C N N 10  
APN N      N N N 11  
APN N9     N Y N 12  
APN C8     C Y N 13  
APN N7     N Y N 14  
APN C5     C Y N 15  
APN C6     C Y N 16  
APN N6     N N N 17  
APN N1     N Y N 18  
APN C2     C Y N 19  
APN N3     N Y N 20  
APN C4     C Y N 21  
APN "H8'1" H N N 22  
APN "H8'2" H N N 23  
APN "H5'1" H N N 24  
APN "H5'2" H N N 25  
APN HXT    H N N 26  
APN "H3'1" H N N 27  
APN "H3'2" H N N 28  
APN "H2'1" H N N 29  
APN "H2'2" H N N 30  
APN H      H N N 31  
APN H2     H N N 32  
APN H3     H N N 33  
APN H8     H N N 34  
APN HN61   H N N 35  
APN HN62   H N N 36  
APN H21    H N N 37  
CPN "C8'"  C N N 38  
CPN "C7'"  C N N 39  
CPN "O7'"  O N N 40  
CPN "C5'"  C N N 41  
CPN C      C N N 42  
CPN O      O N N 43  
CPN OXT    O N N 44  
CPN "N4'"  N N N 45  
CPN "C3'"  C N N 46  
CPN "C2'"  C N N 47  
CPN N      N N N 48  
CPN N1     N N N 49  
CPN C2     C N N 50  
CPN N3     N N N 51  
CPN C4     C N N 52  
CPN C5     C N N 53  
CPN C6     C N N 54  
CPN O2     O N N 55  
CPN N4     N N N 56  
CPN "H8'1" H N N 57  
CPN "H8'2" H N N 58  
CPN "H5'1" H N N 59  
CPN "H5'2" H N N 60  
CPN HXT    H N N 61  
CPN "H3'1" H N N 62  
CPN "H3'2" H N N 63  
CPN "H2'1" H N N 64  
CPN "H2'2" H N N 65  
CPN H      H N N 66  
CPN H2     H N N 67  
CPN H3     H N N 68  
CPN H5     H N N 69  
CPN H6     H N N 70  
CPN HN41   H N N 71  
CPN HN42   H N N 72  
GPN "C8'"  C N N 73  
GPN "C7'"  C N N 74  
GPN "O7'"  O N N 75  
GPN "C5'"  C N N 76  
GPN C      C N N 77  
GPN O      O N N 78  
GPN OXT    O N N 79  
GPN "N4'"  N N N 80  
GPN "C3'"  C N N 81  
GPN "C2'"  C N N 82  
GPN N      N N N 83  
GPN N9     N Y N 84  
GPN C8     C Y N 85  
GPN N7     N Y N 86  
GPN C5     C Y N 87  
GPN C6     C N N 88  
GPN O6     O N N 89  
GPN N1     N N N 90  
GPN C2     C N N 91  
GPN N2     N N N 92  
GPN N3     N N N 93  
GPN C4     C Y N 94  
GPN "H8'1" H N N 95  
GPN "H8'2" H N N 96  
GPN "H5'1" H N N 97  
GPN "H5'2" H N N 98  
GPN HXT    H N N 99  
GPN "H3'1" H N N 100 
GPN "H3'2" H N N 101 
GPN "H2'1" H N N 102 
GPN "H2'2" H N N 103 
GPN H      H N N 104 
GPN H2     H N N 105 
GPN H3     H N N 106 
GPN H8     H N N 107 
GPN HN1    H N N 108 
GPN HN21   H N N 109 
GPN HN22   H N N 110 
HOH O      O N N 111 
HOH H1     H N N 112 
HOH H2     H N N 113 
LYS N      N N N 114 
LYS CA     C N S 115 
LYS C      C N N 116 
LYS O      O N N 117 
LYS CB     C N N 118 
LYS CG     C N N 119 
LYS CD     C N N 120 
LYS CE     C N N 121 
LYS NZ     N N N 122 
LYS OXT    O N N 123 
LYS H      H N N 124 
LYS H2     H N N 125 
LYS HA     H N N 126 
LYS HB2    H N N 127 
LYS HB3    H N N 128 
LYS HG2    H N N 129 
LYS HG3    H N N 130 
LYS HD2    H N N 131 
LYS HD3    H N N 132 
LYS HE2    H N N 133 
LYS HE3    H N N 134 
LYS HZ1    H N N 135 
LYS HZ2    H N N 136 
LYS HZ3    H N N 137 
LYS HXT    H N N 138 
NH2 N      N N N 139 
NH2 HN1    H N N 140 
NH2 HN2    H N N 141 
TPN "C8'"  C N N 142 
TPN "C7'"  C N N 143 
TPN "O7'"  O N N 144 
TPN "C5'"  C N N 145 
TPN C      C N N 146 
TPN O      O N N 147 
TPN OXT    O N N 148 
TPN "N4'"  N N N 149 
TPN "C3'"  C N N 150 
TPN "C2'"  C N N 151 
TPN N      N N N 152 
TPN N1     N N N 153 
TPN C6     C N N 154 
TPN C2     C N N 155 
TPN O2     O N N 156 
TPN N3     N N N 157 
TPN C4     C N N 158 
TPN O4     O N N 159 
TPN C5     C N N 160 
TPN C5M    C N N 161 
TPN "H8'1" H N N 162 
TPN "H8'2" H N N 163 
TPN "H5'1" H N N 164 
TPN "H5'2" H N N 165 
TPN HXT    H N N 166 
TPN "H3'1" H N N 167 
TPN "H3'2" H N N 168 
TPN "H2'1" H N N 169 
TPN "H2'2" H N N 170 
TPN H      H N N 171 
TPN H2     H N N 172 
TPN H3     H N N 173 
TPN H6     H N N 174 
TPN HN3    H N N 175 
TPN HM51   H N N 176 
TPN HM52   H N N 177 
TPN HM53   H N N 178 
# 
loop_
_chem_comp_bond.comp_id 
_chem_comp_bond.atom_id_1 
_chem_comp_bond.atom_id_2 
_chem_comp_bond.value_order 
_chem_comp_bond.pdbx_aromatic_flag 
_chem_comp_bond.pdbx_stereo_config 
_chem_comp_bond.pdbx_ordinal 
APN "C8'" "C7'"  sing N N 1   
APN "C8'" N9     sing N N 2   
APN "C8'" "H8'1" sing N N 3   
APN "C8'" "H8'2" sing N N 4   
APN "C7'" "O7'"  doub N N 5   
APN "C7'" "N4'"  sing N N 6   
APN "C5'" C      sing N N 7   
APN "C5'" "N4'"  sing N N 8   
APN "C5'" "H5'1" sing N N 9   
APN "C5'" "H5'2" sing N N 10  
APN C     O      doub N N 11  
APN C     OXT    sing N N 12  
APN OXT   HXT    sing N N 13  
APN "N4'" "C3'"  sing N N 14  
APN "C3'" "C2'"  sing N N 15  
APN "C3'" "H3'1" sing N N 16  
APN "C3'" "H3'2" sing N N 17  
APN "C2'" N      sing N N 18  
APN "C2'" "H2'1" sing N N 19  
APN "C2'" "H2'2" sing N N 20  
APN N     H      sing N N 21  
APN N     H2     sing N N 22  
APN N     H3     sing N N 23  
APN N9    C8     sing Y N 24  
APN N9    C4     sing Y N 25  
APN C8    N7     doub Y N 26  
APN C8    H8     sing N N 27  
APN N7    C5     sing Y N 28  
APN C5    C6     sing Y N 29  
APN C5    C4     doub Y N 30  
APN C6    N6     sing N N 31  
APN C6    N1     doub Y N 32  
APN N6    HN61   sing N N 33  
APN N6    HN62   sing N N 34  
APN N1    C2     sing Y N 35  
APN C2    N3     doub Y N 36  
APN C2    H21    sing N N 37  
APN N3    C4     sing Y N 38  
CPN "C8'" "C7'"  sing N N 39  
CPN "C8'" N1     sing N N 40  
CPN "C8'" "H8'1" sing N N 41  
CPN "C8'" "H8'2" sing N N 42  
CPN "C7'" "O7'"  doub N N 43  
CPN "C7'" "N4'"  sing N N 44  
CPN "C5'" C      sing N N 45  
CPN "C5'" "N4'"  sing N N 46  
CPN "C5'" "H5'1" sing N N 47  
CPN "C5'" "H5'2" sing N N 48  
CPN C     O      doub N N 49  
CPN C     OXT    sing N N 50  
CPN OXT   HXT    sing N N 51  
CPN "N4'" "C3'"  sing N N 52  
CPN "C3'" "C2'"  sing N N 53  
CPN "C3'" "H3'1" sing N N 54  
CPN "C3'" "H3'2" sing N N 55  
CPN "C2'" N      sing N N 56  
CPN "C2'" "H2'1" sing N N 57  
CPN "C2'" "H2'2" sing N N 58  
CPN N     H      sing N N 59  
CPN N     H2     sing N N 60  
CPN N     H3     sing N N 61  
CPN N1    C2     sing N N 62  
CPN N1    C6     sing N N 63  
CPN C2    N3     sing N N 64  
CPN C2    O2     doub N N 65  
CPN N3    C4     doub N N 66  
CPN C4    C5     sing N N 67  
CPN C4    N4     sing N N 68  
CPN C5    C6     doub N N 69  
CPN C5    H5     sing N N 70  
CPN C6    H6     sing N N 71  
CPN N4    HN41   sing N N 72  
CPN N4    HN42   sing N N 73  
GPN "C8'" "C7'"  sing N N 74  
GPN "C8'" N9     sing N N 75  
GPN "C8'" "H8'1" sing N N 76  
GPN "C8'" "H8'2" sing N N 77  
GPN "C7'" "O7'"  doub N N 78  
GPN "C7'" "N4'"  sing N N 79  
GPN "C5'" C      sing N N 80  
GPN "C5'" "N4'"  sing N N 81  
GPN "C5'" "H5'1" sing N N 82  
GPN "C5'" "H5'2" sing N N 83  
GPN C     O      doub N N 84  
GPN C     OXT    sing N N 85  
GPN OXT   HXT    sing N N 86  
GPN "N4'" "C3'"  sing N N 87  
GPN "C3'" "C2'"  sing N N 88  
GPN "C3'" "H3'1" sing N N 89  
GPN "C3'" "H3'2" sing N N 90  
GPN "C2'" N      sing N N 91  
GPN "C2'" "H2'1" sing N N 92  
GPN "C2'" "H2'2" sing N N 93  
GPN N     H      sing N N 94  
GPN N     H2     sing N N 95  
GPN N     H3     sing N N 96  
GPN N9    C8     sing Y N 97  
GPN N9    C4     sing Y N 98  
GPN C8    N7     doub Y N 99  
GPN C8    H8     sing N N 100 
GPN N7    C5     sing Y N 101 
GPN C5    C6     sing N N 102 
GPN C5    C4     doub Y N 103 
GPN C6    O6     doub N N 104 
GPN C6    N1     sing N N 105 
GPN N1    C2     sing N N 106 
GPN N1    HN1    sing N N 107 
GPN C2    N2     sing N N 108 
GPN C2    N3     doub N N 109 
GPN N2    HN21   sing N N 110 
GPN N2    HN22   sing N N 111 
GPN N3    C4     sing N N 112 
HOH O     H1     sing N N 113 
HOH O     H2     sing N N 114 
LYS N     CA     sing N N 115 
LYS N     H      sing N N 116 
LYS N     H2     sing N N 117 
LYS CA    C      sing N N 118 
LYS CA    CB     sing N N 119 
LYS CA    HA     sing N N 120 
LYS C     O      doub N N 121 
LYS C     OXT    sing N N 122 
LYS CB    CG     sing N N 123 
LYS CB    HB2    sing N N 124 
LYS CB    HB3    sing N N 125 
LYS CG    CD     sing N N 126 
LYS CG    HG2    sing N N 127 
LYS CG    HG3    sing N N 128 
LYS CD    CE     sing N N 129 
LYS CD    HD2    sing N N 130 
LYS CD    HD3    sing N N 131 
LYS CE    NZ     sing N N 132 
LYS CE    HE2    sing N N 133 
LYS CE    HE3    sing N N 134 
LYS NZ    HZ1    sing N N 135 
LYS NZ    HZ2    sing N N 136 
LYS NZ    HZ3    sing N N 137 
LYS OXT   HXT    sing N N 138 
NH2 N     HN1    sing N N 139 
NH2 N     HN2    sing N N 140 
TPN "C8'" "C7'"  sing N N 141 
TPN "C8'" N1     sing N N 142 
TPN "C8'" "H8'1" sing N N 143 
TPN "C8'" "H8'2" sing N N 144 
TPN "C7'" "O7'"  doub N N 145 
TPN "C7'" "N4'"  sing N N 146 
TPN "C5'" C      sing N N 147 
TPN "C5'" "N4'"  sing N N 148 
TPN "C5'" "H5'1" sing N N 149 
TPN "C5'" "H5'2" sing N N 150 
TPN C     O      doub N N 151 
TPN C     OXT    sing N N 152 
TPN OXT   HXT    sing N N 153 
TPN "N4'" "C3'"  sing N N 154 
TPN "C3'" "C2'"  sing N N 155 
TPN "C3'" "H3'1" sing N N 156 
TPN "C3'" "H3'2" sing N N 157 
TPN "C2'" N      sing N N 158 
TPN "C2'" "H2'1" sing N N 159 
TPN "C2'" "H2'2" sing N N 160 
TPN N     H      sing N N 161 
TPN N     H2     sing N N 162 
TPN N     H3     sing N N 163 
TPN N1    C6     sing N N 164 
TPN N1    C2     sing N N 165 
TPN C6    C5     doub N N 166 
TPN C6    H6     sing N N 167 
TPN C2    O2     doub N N 168 
TPN C2    N3     sing N N 169 
TPN N3    C4     sing N N 170 
TPN N3    HN3    sing N N 171 
TPN C4    O4     doub N N 172 
TPN C4    C5     sing N N 173 
TPN C5    C5M    sing N N 174 
TPN C5M   HM51   sing N N 175 
TPN C5M   HM52   sing N N 176 
TPN C5M   HM53   sing N N 177 
# 
loop_
_ndb_struct_conf_na.entry_id 
_ndb_struct_conf_na.feature 
1RRU 'double helix'         
1RRU 'z-form double helix'  
1RRU 'mismatched base pair' 
# 
loop_
_ndb_struct_na_base_pair.model_number 
_ndb_struct_na_base_pair.i_label_asym_id 
_ndb_struct_na_base_pair.i_label_comp_id 
_ndb_struct_na_base_pair.i_label_seq_id 
_ndb_struct_na_base_pair.i_symmetry 
_ndb_struct_na_base_pair.j_label_asym_id 
_ndb_struct_na_base_pair.j_label_comp_id 
_ndb_struct_na_base_pair.j_label_seq_id 
_ndb_struct_na_base_pair.j_symmetry 
_ndb_struct_na_base_pair.shear 
_ndb_struct_na_base_pair.stretch 
_ndb_struct_na_base_pair.stagger 
_ndb_struct_na_base_pair.buckle 
_ndb_struct_na_base_pair.propeller 
_ndb_struct_na_base_pair.opening 
_ndb_struct_na_base_pair.pair_number 
_ndb_struct_na_base_pair.pair_name 
_ndb_struct_na_base_pair.i_auth_asym_id 
_ndb_struct_na_base_pair.i_auth_seq_id 
_ndb_struct_na_base_pair.i_PDB_ins_code 
_ndb_struct_na_base_pair.j_auth_asym_id 
_ndb_struct_na_base_pair.j_auth_seq_id 
_ndb_struct_na_base_pair.j_PDB_ins_code 
_ndb_struct_na_base_pair.hbond_type_28 
_ndb_struct_na_base_pair.hbond_type_12 
1 A CPN 1 1_555 A GPN 6 2_555 -0.972 -0.412 -0.093 4.721   0.092  -3.324 1  A_CPN1:GPN6_A   A 1  ? A 6  ? 19 1 
1 A GPN 2 1_555 A CPN 5 2_555 0.770  -0.473 -0.278 -3.942  -9.056 -3.170 2  A_GPN2:CPN5_A   A 2  ? A 5  ? 19 1 
1 A TPN 3 1_555 A APN 4 2_555 -0.148 -0.519 -0.498 0.640   -7.447 -1.452 3  A_TPN3:APN4_A   A 3  ? A 4  ? 20 1 
1 A APN 4 1_555 A TPN 3 2_555 0.148  -0.519 -0.498 -0.640  -7.447 -1.452 4  A_APN4:TPN3_A   A 4  ? A 3  ? 20 1 
1 A CPN 5 1_555 A GPN 2 2_555 -0.770 -0.473 -0.278 3.942   -9.056 -3.170 5  A_CPN5:GPN2_A   A 5  ? A 2  ? 19 1 
1 A GPN 6 1_555 A CPN 1 2_555 0.972  -0.412 -0.093 -4.721  0.092  -3.324 6  A_GPN6:CPN1_A   A 6  ? A 1  ? 19 1 
1 B CPN 1 1_555 B GPN 6 2_656 -0.642 -0.126 -0.374 12.009  8.225  0.203  7  B_CPN9:GPN14_B  B 9  ? B 14 ? 19 1 
1 B GPN 2 1_555 B CPN 5 2_656 0.917  -0.669 0.033  -0.460  5.800  3.948  8  B_GPN10:CPN13_B B 10 ? B 13 ? 19 1 
1 B TPN 3 1_555 B APN 4 2_656 -0.256 -0.438 -0.425 1.880   7.536  0.270  9  B_TPN11:APN12_B B 11 ? B 12 ? 20 1 
1 B APN 4 1_555 B TPN 3 2_656 0.256  -0.438 -0.425 -1.880  7.536  0.270  10 B_APN12:TPN11_B B 12 ? B 11 ? 20 1 
1 B CPN 5 1_555 B GPN 2 2_656 -0.917 -0.669 0.033  0.460   5.800  3.948  11 B_CPN13:GPN10_B B 13 ? B 10 ? 19 1 
1 B GPN 6 1_555 B CPN 1 2_656 0.642  -0.126 -0.374 -12.009 8.225  0.203  12 B_GPN14:CPN9_B  B 14 ? B 9  ? 19 1 
# 
loop_
_ndb_struct_na_base_pair_step.model_number 
_ndb_struct_na_base_pair_step.i_label_asym_id_1 
_ndb_struct_na_base_pair_step.i_label_comp_id_1 
_ndb_struct_na_base_pair_step.i_label_seq_id_1 
_ndb_struct_na_base_pair_step.i_symmetry_1 
_ndb_struct_na_base_pair_step.j_label_asym_id_1 
_ndb_struct_na_base_pair_step.j_label_comp_id_1 
_ndb_struct_na_base_pair_step.j_label_seq_id_1 
_ndb_struct_na_base_pair_step.j_symmetry_1 
_ndb_struct_na_base_pair_step.i_label_asym_id_2 
_ndb_struct_na_base_pair_step.i_label_comp_id_2 
_ndb_struct_na_base_pair_step.i_label_seq_id_2 
_ndb_struct_na_base_pair_step.i_symmetry_2 
_ndb_struct_na_base_pair_step.j_label_asym_id_2 
_ndb_struct_na_base_pair_step.j_label_comp_id_2 
_ndb_struct_na_base_pair_step.j_label_seq_id_2 
_ndb_struct_na_base_pair_step.j_symmetry_2 
_ndb_struct_na_base_pair_step.shift 
_ndb_struct_na_base_pair_step.slide 
_ndb_struct_na_base_pair_step.rise 
_ndb_struct_na_base_pair_step.tilt 
_ndb_struct_na_base_pair_step.roll 
_ndb_struct_na_base_pair_step.twist 
_ndb_struct_na_base_pair_step.x_displacement 
_ndb_struct_na_base_pair_step.y_displacement 
_ndb_struct_na_base_pair_step.helical_rise 
_ndb_struct_na_base_pair_step.inclination 
_ndb_struct_na_base_pair_step.tip 
_ndb_struct_na_base_pair_step.helical_twist 
_ndb_struct_na_base_pair_step.step_number 
_ndb_struct_na_base_pair_step.step_name 
_ndb_struct_na_base_pair_step.i_auth_asym_id_1 
_ndb_struct_na_base_pair_step.i_auth_seq_id_1 
_ndb_struct_na_base_pair_step.i_PDB_ins_code_1 
_ndb_struct_na_base_pair_step.j_auth_asym_id_1 
_ndb_struct_na_base_pair_step.j_auth_seq_id_1 
_ndb_struct_na_base_pair_step.j_PDB_ins_code_1 
_ndb_struct_na_base_pair_step.i_auth_asym_id_2 
_ndb_struct_na_base_pair_step.i_auth_seq_id_2 
_ndb_struct_na_base_pair_step.i_PDB_ins_code_2 
_ndb_struct_na_base_pair_step.j_auth_asym_id_2 
_ndb_struct_na_base_pair_step.j_auth_seq_id_2 
_ndb_struct_na_base_pair_step.j_PDB_ins_code_2 
1 A CPN 1 1_555 A GPN 6 2_555 A GPN 2 1_555 A CPN 5 2_555 -0.026 -2.279 3.698 1.750  3.132   28.762  -5.310  0.475  3.428 6.273  
-3.506  28.981  1  AA_CPN1GPN2:CPN5GPN6_AA     A 1  ? A 6  ? A 2  ? A 5  ? 
1 A GPN 2 1_555 A CPN 5 2_555 A TPN 3 1_555 A APN 4 2_555 -0.572 -2.843 3.244 2.423  1.575   13.095  -13.689 4.778  2.733 6.798  
-10.458 13.408  2  AA_GPN2TPN3:APN4CPN5_AA     A 2  ? A 5  ? A 3  ? A 4  ? 
1 A TPN 3 1_555 A APN 4 2_555 A APN 4 1_555 A TPN 3 2_555 0.000  -1.064 3.621 0.000  6.477   17.169  -7.108  0.000  3.018 20.760 
0.000   18.342  3  AA_TPN3APN4:TPN3APN4_AA     A 3  ? A 4  ? A 4  ? A 3  ? 
1 A APN 4 1_555 A TPN 3 2_555 A CPN 5 1_555 A GPN 2 2_555 0.572  -2.843 3.244 -2.423 1.575   13.095  -13.689 -4.778 2.733 6.798  
10.458  13.408  4  AA_APN4CPN5:GPN2TPN3_AA     A 4  ? A 3  ? A 5  ? A 2  ? 
1 A CPN 5 1_555 A GPN 2 2_555 A GPN 6 1_555 A CPN 1 2_555 0.026  -2.279 3.698 -1.750 3.132   28.762  -5.310  -0.475 3.428 6.273  
3.506   28.981  5  AA_CPN5GPN6:CPN1GPN2_AA     A 5  ? A 2  ? A 6  ? A 1  ? 
1 B CPN 1 1_555 B GPN 6 2_656 B GPN 2 1_555 B CPN 5 2_656 0.243  -2.459 3.749 -5.908 -5.987  -8.741  18.905  -6.020 1.611 31.302 
-30.889 -12.125 6  BB_CPN9GPN10:CPN13GPN14_BB  B 9  ? B 14 ? B 10 ? B 13 ? 
1 B GPN 2 1_555 B CPN 5 2_656 B TPN 3 1_555 B APN 4 2_656 0.023  -2.447 3.252 4.192  5.299   -30.954 3.451   0.860  3.577 -9.784 
7.740   -31.665 7  BB_GPN10TPN11:APN12CPN13_BB B 10 ? B 13 ? B 11 ? B 12 ? 
1 B TPN 3 1_555 B APN 4 2_656 B APN 4 1_555 B TPN 3 2_656 0.000  -1.729 3.590 0.000  -12.108 -13.916 11.415  0.000  1.585 41.200 
0.000   -18.426 8  BB_TPN11APN12:TPN11APN12_BB B 11 ? B 12 ? B 12 ? B 11 ? 
1 B APN 4 1_555 B TPN 3 2_656 B CPN 5 1_555 B GPN 2 2_656 -0.023 -2.447 3.252 -4.192 5.299   -30.954 3.451   -0.860 3.577 -9.784 
-7.740  -31.665 9  BB_APN12CPN13:GPN10TPN11_BB B 12 ? B 11 ? B 13 ? B 10 ? 
1 B CPN 5 1_555 B GPN 2 2_656 B GPN 6 1_555 B CPN 1 2_656 -0.243 -2.459 3.749 5.908  -5.987  -8.741  18.905  6.020  1.611 31.302 
30.889  -12.125 10 BB_CPN13GPN14:CPN9GPN10_BB  B 13 ? B 10 ? B 14 ? B 9  ? 
# 
_pdbx_entity_nonpoly.entity_id   2 
_pdbx_entity_nonpoly.name        water 
_pdbx_entity_nonpoly.comp_id     HOH 
# 
_pdbx_initial_refinement_model.id               1 
_pdbx_initial_refinement_model.entity_id_list   ? 
_pdbx_initial_refinement_model.type             'experimental model' 
_pdbx_initial_refinement_model.source_name      PDB 
_pdbx_initial_refinement_model.accession_code   1PUP 
_pdbx_initial_refinement_model.details          'PDB entry 1PUP' 
# 
